data_1F11
#
_entry.id   1F11
#
_cell.length_a   135.7
_cell.length_b   54.0
_cell.length_c   120.0
_cell.angle_alpha   90.0
_cell.angle_beta   101.0
_cell.angle_gamma   90.0
#
_symmetry.space_group_name_H-M   'C 1 2 1'
#
loop_
_entity.id
_entity.type
_entity.pdbx_description
1 polymer 'F124 IMMUNOGLOBULIN (KAPPA LIGHT CHAIN)'
2 polymer 'F124 IMMUNOGLOBULIN (IGG1 HEAVY CHAIN)'
#
loop_
_entity_poly.entity_id
_entity_poly.type
_entity_poly.pdbx_seq_one_letter_code
_entity_poly.pdbx_strand_id
1 'polypeptide(L)'
;DMVLTQSPASLAVSLGQRATISCKASQSVDYDGDSYMNWYQQKPGQPPKLLIYVASNLKSGIPARFSGSGSGTDFTLNIH
PVEEEDAATYYCQQSNEDPFTFGSGTKLEIKRADAAPTVSIFPPSSEQLTSGGASVVCFLNNFYPKDINVKWKIDGSERQ
NGVLNSWTDQDSKDSTYSMSSTLTLTKDEYERHNSYTCEATHKTSTSPIVKSFNRNEC
;
A,C
2 'polypeptide(L)'
;EVQLQQSGPELVKPGASVKMSCKASGYTFTDYYMKWVKQSHGKSLEWIGDINPNNGGTGYNQKFKGKATLTVDKSSSTAY
MQLNSLTSEDSAVYYCANDYGSTYGFAYWGQGTLVTVSAAKTTPPSVYPLAPGSAAQTNSMVTLGCLVKGYFPEPVTVTW
NSGSLSSGVHTFPAVLQSDLYTLSSSVTVPSSPRPSETVTCNVAHPASSTKVDKKIVPRDC
;
B,D
#
# COMPACT_ATOMS: atom_id res chain seq x y z
N ASP A 1 12.35 -1.56 -11.22
CA ASP A 1 12.35 -0.34 -10.37
C ASP A 1 11.79 0.87 -11.11
N MET A 2 11.18 1.78 -10.37
CA MET A 2 10.61 2.98 -10.97
C MET A 2 11.61 4.13 -10.95
N VAL A 3 11.73 4.82 -12.09
CA VAL A 3 12.66 5.93 -12.24
C VAL A 3 12.00 7.30 -12.06
N LEU A 4 12.52 8.11 -11.14
CA LEU A 4 11.94 9.43 -10.90
C LEU A 4 12.83 10.51 -11.47
N THR A 5 12.40 11.13 -12.55
CA THR A 5 13.20 12.16 -13.15
C THR A 5 12.75 13.56 -12.78
N GLN A 6 13.65 14.26 -12.10
CA GLN A 6 13.41 15.62 -11.64
C GLN A 6 13.97 16.61 -12.66
N SER A 7 13.27 17.73 -12.84
CA SER A 7 13.68 18.75 -13.79
C SER A 7 13.14 20.11 -13.39
N PRO A 8 13.96 21.15 -13.48
CA PRO A 8 15.37 21.16 -13.92
C PRO A 8 16.27 20.57 -12.87
N ALA A 9 17.58 20.59 -13.13
CA ALA A 9 18.55 20.06 -12.18
C ALA A 9 19.00 21.17 -11.26
N SER A 10 19.15 22.35 -11.86
CA SER A 10 19.57 23.53 -11.11
C SER A 10 18.66 24.66 -11.54
N LEU A 11 18.41 25.58 -10.63
CA LEU A 11 17.56 26.69 -10.97
C LEU A 11 17.80 27.85 -10.01
N ALA A 12 18.00 29.02 -10.59
CA ALA A 12 18.24 30.24 -9.83
C ALA A 12 17.00 31.09 -9.90
N VAL A 13 16.59 31.64 -8.76
CA VAL A 13 15.38 32.44 -8.73
C VAL A 13 15.52 33.59 -7.75
N SER A 14 15.19 34.78 -8.21
CA SER A 14 15.28 35.96 -7.37
C SER A 14 14.24 35.92 -6.23
N LEU A 15 14.57 36.54 -5.10
CA LEU A 15 13.69 36.56 -3.93
C LEU A 15 12.31 37.13 -4.22
N GLY A 16 11.31 36.43 -3.70
CA GLY A 16 9.94 36.86 -3.91
C GLY A 16 9.30 36.22 -5.12
N GLN A 17 10.13 35.75 -6.05
CA GLN A 17 9.66 35.12 -7.28
C GLN A 17 9.05 33.73 -7.01
N ARG A 18 8.73 33.01 -8.07
CA ARG A 18 8.14 31.67 -7.97
C ARG A 18 9.09 30.59 -8.46
N ALA A 19 9.09 29.46 -7.78
CA ALA A 19 9.96 28.34 -8.16
C ALA A 19 9.13 27.08 -8.40
N THR A 20 9.30 26.50 -9.57
CA THR A 20 8.56 25.30 -9.94
C THR A 20 9.48 24.14 -10.31
N ILE A 21 9.43 23.09 -9.49
CA ILE A 21 10.24 21.92 -9.73
C ILE A 21 9.36 20.77 -10.23
N SER A 22 9.81 20.12 -11.29
CA SER A 22 9.06 19.01 -11.85
C SER A 22 9.62 17.68 -11.44
N CYS A 23 8.73 16.69 -11.44
CA CYS A 23 9.08 15.33 -11.10
C CYS A 23 8.23 14.42 -12.00
N LYS A 24 8.90 13.54 -12.73
CA LYS A 24 8.21 12.64 -13.65
C LYS A 24 8.50 11.18 -13.31
N ALA A 25 7.48 10.50 -12.81
CA ALA A 25 7.60 9.10 -12.47
C ALA A 25 7.52 8.33 -13.77
N SER A 26 8.24 7.22 -13.84
CA SER A 26 8.25 6.42 -15.05
C SER A 26 6.96 5.65 -15.16
N GLN A 27 6.34 5.33 -14.03
CA GLN A 27 5.07 4.61 -13.97
C GLN A 27 4.05 5.52 -13.26
N SER A 28 2.84 5.04 -13.04
CA SER A 28 1.86 5.84 -12.32
C SER A 28 2.05 5.54 -10.85
N VAL A 29 1.76 6.51 -9.99
CA VAL A 29 1.94 6.29 -8.56
C VAL A 29 0.64 6.52 -7.81
N ASP A 30 -0.48 6.32 -8.51
CA ASP A 30 -1.81 6.48 -7.95
C ASP A 30 -2.28 5.16 -7.39
N TYR A 31 -3.11 5.23 -6.37
CA TYR A 31 -3.60 4.01 -5.76
C TYR A 31 -4.85 4.32 -4.96
N ASP A 32 -5.99 4.01 -5.55
CA ASP A 32 -7.29 4.24 -4.93
C ASP A 32 -7.62 5.72 -4.86
N GLY A 33 -7.25 6.45 -5.91
CA GLY A 33 -7.54 7.88 -5.93
C GLY A 33 -6.55 8.79 -5.21
N ASP A 34 -5.43 8.24 -4.77
CA ASP A 34 -4.44 9.04 -4.10
C ASP A 34 -3.10 8.87 -4.80
N SER A 35 -2.41 9.98 -5.06
CA SER A 35 -1.09 9.95 -5.72
C SER A 35 -0.02 9.94 -4.63
N TYR A 36 0.74 8.86 -4.52
CA TYR A 36 1.76 8.77 -3.49
C TYR A 36 3.16 9.24 -3.87
N MET A 37 3.29 10.57 -3.88
CA MET A 37 4.53 11.27 -4.21
C MET A 37 4.79 12.25 -3.08
N ASN A 38 5.98 12.20 -2.51
CA ASN A 38 6.31 13.12 -1.43
C ASN A 38 7.47 13.99 -1.85
N TRP A 39 7.66 15.11 -1.18
CA TRP A 39 8.74 16.01 -1.52
C TRP A 39 9.55 16.31 -0.28
N TYR A 40 10.87 16.24 -0.42
CA TYR A 40 11.77 16.54 0.70
C TYR A 40 12.68 17.69 0.35
N GLN A 41 13.08 18.42 1.41
CA GLN A 41 13.97 19.56 1.26
C GLN A 41 15.22 19.15 2.01
N GLN A 42 16.39 19.39 1.44
CA GLN A 42 17.61 19.04 2.14
C GLN A 42 18.65 20.13 2.05
N LYS A 43 18.96 20.71 3.21
CA LYS A 43 19.96 21.75 3.30
C LYS A 43 21.28 21.03 3.59
N PRO A 44 22.38 21.45 2.94
CA PRO A 44 23.67 20.80 3.18
C PRO A 44 23.98 20.58 4.66
N GLY A 45 24.38 19.35 4.98
CA GLY A 45 24.73 19.03 6.35
C GLY A 45 23.68 18.37 7.21
N GLN A 46 22.47 18.18 6.70
CA GLN A 46 21.40 17.57 7.49
C GLN A 46 20.54 16.56 6.73
N PRO A 47 19.76 15.76 7.46
CA PRO A 47 18.89 14.77 6.82
C PRO A 47 17.79 15.48 6.08
N PRO A 48 17.18 14.84 5.07
CA PRO A 48 16.10 15.50 4.34
C PRO A 48 14.93 15.86 5.26
N LYS A 49 14.15 16.86 4.85
CA LYS A 49 12.99 17.33 5.61
C LYS A 49 11.72 17.12 4.77
N LEU A 50 10.79 16.33 5.30
CA LEU A 50 9.56 16.05 4.59
C LEU A 50 8.74 17.34 4.46
N LEU A 51 8.48 17.75 3.22
CA LEU A 51 7.72 18.97 3.00
C LEU A 51 6.24 18.68 2.71
N ILE A 52 6.00 17.97 1.61
CA ILE A 52 4.66 17.64 1.18
C ILE A 52 4.56 16.14 0.92
N TYR A 53 3.52 15.51 1.46
CA TYR A 53 3.34 14.08 1.24
C TYR A 53 2.07 13.80 0.46
N VAL A 54 2.01 12.62 -0.11
CA VAL A 54 0.87 12.21 -0.91
C VAL A 54 0.43 13.34 -1.83
N ALA A 55 1.34 13.71 -2.73
CA ALA A 55 1.15 14.74 -3.76
C ALA A 55 0.85 16.18 -3.37
N SER A 56 -0.20 16.42 -2.58
CA SER A 56 -0.55 17.80 -2.24
C SER A 56 -0.67 18.20 -0.78
N ASN A 57 -0.40 17.28 0.14
CA ASN A 57 -0.49 17.62 1.56
C ASN A 57 0.76 18.27 2.11
N LEU A 58 0.57 19.45 2.68
CA LEU A 58 1.67 20.21 3.27
C LEU A 58 1.83 19.75 4.71
N LYS A 59 2.99 19.18 5.03
CA LYS A 59 3.24 18.72 6.39
C LYS A 59 3.04 19.83 7.42
N SER A 60 2.47 19.47 8.57
CA SER A 60 2.21 20.44 9.63
C SER A 60 3.48 21.11 10.11
N GLY A 61 3.52 22.43 9.95
CA GLY A 61 4.69 23.19 10.36
C GLY A 61 5.43 23.76 9.16
N ILE A 62 5.03 23.32 7.96
CA ILE A 62 5.67 23.80 6.74
C ILE A 62 4.99 25.09 6.22
N PRO A 63 5.80 26.10 5.91
CA PRO A 63 5.24 27.36 5.42
C PRO A 63 4.33 27.14 4.22
N ALA A 64 3.20 27.84 4.24
CA ALA A 64 2.22 27.75 3.17
C ALA A 64 2.81 28.19 1.83
N ARG A 65 4.05 28.64 1.82
CA ARG A 65 4.68 29.05 0.58
C ARG A 65 4.85 27.84 -0.32
N PHE A 66 4.89 26.66 0.30
CA PHE A 66 5.07 25.42 -0.45
C PHE A 66 3.74 24.83 -0.85
N SER A 67 3.74 24.15 -1.99
CA SER A 67 2.51 23.54 -2.47
C SER A 67 2.80 22.55 -3.58
N GLY A 68 2.37 21.32 -3.38
CA GLY A 68 2.57 20.31 -4.38
C GLY A 68 1.32 20.09 -5.21
N SER A 69 1.50 19.54 -6.40
CA SER A 69 0.39 19.27 -7.29
C SER A 69 0.79 18.17 -8.25
N GLY A 70 -0.15 17.78 -9.08
CA GLY A 70 0.09 16.73 -10.05
C GLY A 70 -0.56 15.42 -9.62
N SER A 71 -0.42 14.43 -10.49
CA SER A 71 -0.96 13.12 -10.24
C SER A 71 -0.53 12.20 -11.36
N GLY A 72 -0.80 10.91 -11.19
CA GLY A 72 -0.44 9.95 -12.21
C GLY A 72 1.04 9.72 -12.33
N THR A 73 1.67 10.48 -13.24
CA THR A 73 3.09 10.35 -13.47
C THR A 73 3.82 11.67 -13.47
N ASP A 74 3.07 12.76 -13.44
CA ASP A 74 3.67 14.10 -13.44
C ASP A 74 3.28 14.87 -12.21
N PHE A 75 4.30 15.37 -11.52
CA PHE A 75 4.09 16.12 -10.29
C PHE A 75 4.92 17.38 -10.26
N THR A 76 4.44 18.35 -9.49
CA THR A 76 5.12 19.63 -9.40
C THR A 76 5.14 20.20 -7.99
N LEU A 77 6.26 20.82 -7.63
CA LEU A 77 6.39 21.46 -6.33
C LEU A 77 6.49 22.94 -6.62
N ASN A 78 5.71 23.74 -5.90
CA ASN A 78 5.70 25.18 -6.10
C ASN A 78 6.07 25.95 -4.84
N ILE A 79 6.99 26.89 -5.00
CA ILE A 79 7.43 27.74 -3.90
C ILE A 79 7.13 29.19 -4.23
N HIS A 80 6.32 29.82 -3.39
CA HIS A 80 5.95 31.21 -3.61
C HIS A 80 5.49 31.83 -2.28
N PRO A 81 6.16 32.90 -1.86
CA PRO A 81 7.29 33.49 -2.55
C PRO A 81 8.61 32.89 -2.08
N VAL A 82 9.60 32.87 -2.95
CA VAL A 82 10.91 32.33 -2.59
C VAL A 82 11.59 33.17 -1.49
N GLU A 83 12.23 32.49 -0.55
CA GLU A 83 12.95 33.12 0.56
C GLU A 83 14.40 32.65 0.58
N GLU A 84 15.19 33.34 1.38
CA GLU A 84 16.60 33.01 1.53
C GLU A 84 16.78 31.62 2.13
N GLU A 85 15.88 31.24 3.05
CA GLU A 85 15.96 29.93 3.69
C GLU A 85 15.52 28.77 2.79
N ASP A 86 15.33 29.03 1.50
CA ASP A 86 14.89 27.99 0.58
C ASP A 86 16.00 27.38 -0.27
N ALA A 87 17.16 28.02 -0.24
CA ALA A 87 18.28 27.50 -1.00
C ALA A 87 18.59 26.11 -0.45
N ALA A 88 18.33 25.09 -1.26
CA ALA A 88 18.60 23.71 -0.84
C ALA A 88 18.41 22.78 -2.03
N THR A 89 18.53 21.48 -1.80
CA THR A 89 18.29 20.51 -2.87
C THR A 89 16.93 19.91 -2.54
N TYR A 90 16.08 19.75 -3.56
CA TYR A 90 14.75 19.20 -3.34
C TYR A 90 14.56 17.85 -4.00
N TYR A 91 13.76 17.00 -3.37
CA TYR A 91 13.54 15.66 -3.89
C TYR A 91 12.09 15.22 -3.84
N CYS A 92 11.69 14.48 -4.88
CA CYS A 92 10.34 13.92 -4.90
C CYS A 92 10.64 12.46 -4.67
N GLN A 93 9.75 11.77 -3.98
CA GLN A 93 9.95 10.37 -3.68
C GLN A 93 8.64 9.64 -3.75
N GLN A 94 8.63 8.53 -4.50
CA GLN A 94 7.41 7.72 -4.66
C GLN A 94 7.31 6.67 -3.59
N SER A 95 6.09 6.51 -3.06
CA SER A 95 5.82 5.53 -2.01
C SER A 95 4.83 4.50 -2.52
N ASN A 96 4.59 4.51 -3.83
CA ASN A 96 3.66 3.60 -4.48
C ASN A 96 4.09 2.11 -4.49
N GLU A 97 5.35 1.85 -4.76
CA GLU A 97 5.80 0.46 -4.82
C GLU A 97 7.23 0.18 -4.39
N ASP A 98 7.51 -1.11 -4.20
CA ASP A 98 8.81 -1.59 -3.81
C ASP A 98 9.71 -1.53 -5.04
N PRO A 99 10.89 -0.90 -4.93
CA PRO A 99 11.41 -0.27 -3.73
C PRO A 99 11.12 1.21 -3.81
N PHE A 100 11.01 1.85 -2.65
CA PHE A 100 10.73 3.27 -2.63
C PHE A 100 11.86 4.01 -3.33
N THR A 101 11.47 4.94 -4.20
CA THR A 101 12.40 5.70 -5.02
C THR A 101 12.42 7.20 -4.82
N PHE A 102 13.62 7.78 -4.94
CA PHE A 102 13.83 9.23 -4.79
C PHE A 102 14.19 9.83 -6.14
N GLY A 103 13.94 11.12 -6.30
CA GLY A 103 14.26 11.76 -7.57
C GLY A 103 15.72 12.13 -7.69
N SER A 104 16.13 12.58 -8.86
CA SER A 104 17.52 12.96 -9.06
C SER A 104 17.89 14.29 -8.37
N GLY A 105 16.91 14.94 -7.73
CA GLY A 105 17.18 16.18 -7.02
C GLY A 105 17.28 17.46 -7.84
N THR A 106 17.02 18.58 -7.20
CA THR A 106 17.09 19.89 -7.88
C THR A 106 17.67 20.92 -6.93
N LYS A 107 18.81 21.50 -7.29
CA LYS A 107 19.39 22.49 -6.41
C LYS A 107 18.76 23.84 -6.69
N LEU A 108 18.33 24.51 -5.62
CA LEU A 108 17.70 25.82 -5.75
C LEU A 108 18.60 26.95 -5.22
N GLU A 109 19.09 27.77 -6.12
CA GLU A 109 19.97 28.87 -5.76
C GLU A 109 19.20 30.17 -5.79
N ILE A 110 19.51 31.06 -4.86
CA ILE A 110 18.86 32.35 -4.77
C ILE A 110 19.67 33.42 -5.48
N LYS A 111 19.01 34.23 -6.30
CA LYS A 111 19.70 35.29 -7.01
C LYS A 111 19.65 36.52 -6.10
N ARG A 112 20.72 37.29 -6.11
CA ARG A 112 20.74 38.52 -5.33
C ARG A 112 21.66 39.59 -5.90
N ALA A 113 21.96 40.62 -5.11
CA ALA A 113 22.81 41.71 -5.60
C ALA A 113 24.27 41.33 -5.46
N ASP A 114 25.05 41.66 -6.50
CA ASP A 114 26.48 41.34 -6.48
C ASP A 114 27.06 41.87 -5.18
N ALA A 115 27.92 41.08 -4.54
CA ALA A 115 28.55 41.49 -3.29
C ALA A 115 30.02 41.13 -3.26
N ALA A 116 30.84 42.07 -2.81
CA ALA A 116 32.29 41.87 -2.75
C ALA A 116 32.68 41.00 -1.57
N PRO A 117 33.68 40.15 -1.78
CA PRO A 117 34.14 39.26 -0.71
C PRO A 117 34.94 40.08 0.28
N THR A 118 35.00 39.58 1.51
CA THR A 118 35.77 40.23 2.56
C THR A 118 37.02 39.40 2.78
N VAL A 119 38.09 39.76 2.07
CA VAL A 119 39.33 39.03 2.19
C VAL A 119 40.12 39.30 3.47
N SER A 120 40.68 38.23 4.02
CA SER A 120 41.49 38.28 5.21
C SER A 120 42.54 37.20 5.03
N ILE A 121 43.81 37.61 5.09
CA ILE A 121 44.91 36.66 4.91
C ILE A 121 45.61 36.36 6.25
N PHE A 122 46.08 35.13 6.41
CA PHE A 122 46.76 34.72 7.63
C PHE A 122 48.11 34.04 7.37
N PRO A 123 49.15 34.45 8.08
CA PRO A 123 50.46 33.85 7.90
C PRO A 123 50.47 32.56 8.69
N PRO A 124 51.50 31.72 8.48
CA PRO A 124 51.59 30.46 9.21
C PRO A 124 51.82 30.67 10.70
N SER A 125 51.14 29.88 11.52
CA SER A 125 51.30 29.98 12.96
C SER A 125 52.68 29.48 13.32
N SER A 126 53.23 29.99 14.41
CA SER A 126 54.54 29.58 14.88
C SER A 126 54.52 28.07 15.04
N GLU A 127 53.46 27.58 15.68
CA GLU A 127 53.30 26.15 15.88
C GLU A 127 53.63 25.37 14.60
N GLN A 128 52.90 25.68 13.54
CA GLN A 128 53.07 25.00 12.26
C GLN A 128 54.48 25.07 11.71
N LEU A 129 55.08 26.26 11.72
CA LEU A 129 56.43 26.43 11.19
C LEU A 129 57.46 25.54 11.87
N THR A 130 57.32 25.40 13.19
CA THR A 130 58.20 24.58 14.01
C THR A 130 58.31 23.17 13.46
N SER A 131 57.23 22.70 12.85
CA SER A 131 57.19 21.35 12.30
C SER A 131 57.49 21.35 10.80
N GLY A 132 58.20 22.38 10.37
CA GLY A 132 58.60 22.48 8.98
C GLY A 132 57.52 22.71 7.94
N GLY A 133 56.37 23.21 8.38
CA GLY A 133 55.31 23.48 7.43
C GLY A 133 54.88 24.92 7.48
N ALA A 134 54.43 25.45 6.33
CA ALA A 134 53.97 26.83 6.24
C ALA A 134 52.74 26.93 5.35
N SER A 135 51.59 27.15 5.99
CA SER A 135 50.32 27.24 5.29
C SER A 135 49.77 28.65 5.42
N VAL A 136 49.68 29.36 4.31
CA VAL A 136 49.13 30.71 4.31
C VAL A 136 47.65 30.56 3.95
N VAL A 137 46.76 31.03 4.83
CA VAL A 137 45.33 30.90 4.61
C VAL A 137 44.62 32.20 4.27
N CYS A 138 43.76 32.14 3.25
CA CYS A 138 43.01 33.31 2.81
C CYS A 138 41.50 33.02 2.82
N PHE A 139 40.77 33.85 3.54
CA PHE A 139 39.33 33.71 3.63
C PHE A 139 38.60 34.78 2.78
N LEU A 140 37.78 34.34 1.82
CA LEU A 140 37.00 35.27 1.00
C LEU A 140 35.55 35.06 1.39
N ASN A 141 35.07 35.84 2.36
CA ASN A 141 33.71 35.69 2.85
C ASN A 141 32.61 36.52 2.21
N ASN A 142 31.41 35.95 2.24
CA ASN A 142 30.18 36.53 1.73
C ASN A 142 30.21 37.29 0.41
N PHE A 143 30.53 36.61 -0.67
CA PHE A 143 30.53 37.29 -1.96
C PHE A 143 29.36 36.76 -2.80
N TYR A 144 29.25 37.24 -4.04
CA TYR A 144 28.19 36.81 -4.94
C TYR A 144 28.33 37.52 -6.26
N PRO A 145 28.20 36.78 -7.37
CA PRO A 145 27.95 35.34 -7.45
C PRO A 145 29.08 34.45 -6.98
N LYS A 146 28.82 33.15 -7.04
CA LYS A 146 29.75 32.12 -6.61
C LYS A 146 31.02 32.15 -7.45
N ASP A 147 30.92 32.69 -8.65
CA ASP A 147 32.07 32.75 -9.55
C ASP A 147 33.11 33.80 -9.22
N ILE A 148 34.17 33.35 -8.56
CA ILE A 148 35.26 34.19 -8.13
C ILE A 148 36.59 33.48 -8.34
N ASN A 149 37.64 34.26 -8.52
CA ASN A 149 38.98 33.73 -8.69
C ASN A 149 39.87 34.08 -7.52
N VAL A 150 40.97 33.37 -7.39
CA VAL A 150 41.90 33.63 -6.32
C VAL A 150 43.27 33.36 -6.87
N LYS A 151 44.10 34.40 -6.87
CA LYS A 151 45.46 34.31 -7.35
C LYS A 151 46.37 34.58 -6.17
N TRP A 152 47.40 33.76 -6.06
CA TRP A 152 48.37 33.87 -4.99
C TRP A 152 49.67 34.37 -5.60
N LYS A 153 50.28 35.35 -4.94
CA LYS A 153 51.52 35.92 -5.41
C LYS A 153 52.55 35.85 -4.29
N ILE A 154 53.75 35.38 -4.60
CA ILE A 154 54.80 35.32 -3.60
C ILE A 154 55.94 36.16 -4.19
N ASP A 155 56.35 37.18 -3.43
CA ASP A 155 57.41 38.07 -3.87
C ASP A 155 57.11 38.58 -5.28
N GLY A 156 55.87 38.99 -5.49
CA GLY A 156 55.47 39.54 -6.77
C GLY A 156 55.00 38.58 -7.84
N SER A 157 55.62 37.40 -7.91
CA SER A 157 55.25 36.38 -8.90
C SER A 157 54.11 35.45 -8.46
N GLU A 158 53.33 35.00 -9.44
CA GLU A 158 52.18 34.13 -9.19
C GLU A 158 52.55 32.69 -8.84
N ARG A 159 51.94 32.19 -7.77
CA ARG A 159 52.17 30.82 -7.33
C ARG A 159 51.03 29.97 -7.85
N GLN A 160 51.39 28.95 -8.60
CA GLN A 160 50.45 28.05 -9.24
C GLN A 160 49.97 26.88 -8.39
N ASN A 161 50.87 25.96 -8.07
CA ASN A 161 50.51 24.78 -7.30
C ASN A 161 50.62 24.96 -5.81
N GLY A 162 50.01 24.04 -5.07
CA GLY A 162 50.05 24.09 -3.63
C GLY A 162 48.84 24.76 -3.05
N VAL A 163 47.88 25.09 -3.91
CA VAL A 163 46.65 25.76 -3.49
C VAL A 163 45.50 24.79 -3.21
N LEU A 164 44.68 25.10 -2.22
CA LEU A 164 43.51 24.27 -1.86
C LEU A 164 42.31 25.14 -1.53
N ASN A 165 41.38 25.21 -2.48
CA ASN A 165 40.16 26.02 -2.34
C ASN A 165 38.98 25.20 -1.90
N SER A 166 38.14 25.81 -1.07
CA SER A 166 36.97 25.15 -0.52
C SER A 166 35.83 26.14 -0.45
N TRP A 167 34.76 25.88 -1.20
CA TRP A 167 33.59 26.76 -1.19
C TRP A 167 32.57 26.37 -0.15
N THR A 168 31.79 27.35 0.26
CA THR A 168 30.73 27.12 1.22
C THR A 168 29.44 27.09 0.39
N ASP A 169 28.41 26.45 0.92
CA ASP A 169 27.16 26.41 0.19
C ASP A 169 26.48 27.74 0.46
N GLN A 170 25.59 28.16 -0.43
CA GLN A 170 24.88 29.43 -0.28
C GLN A 170 24.24 29.63 1.10
N ASP A 171 24.60 30.73 1.77
CA ASP A 171 24.06 31.05 3.11
C ASP A 171 22.55 31.14 3.16
N SER A 172 21.98 30.71 4.28
CA SER A 172 20.54 30.72 4.47
C SER A 172 20.00 32.08 4.90
N LYS A 173 20.88 32.91 5.44
CA LYS A 173 20.45 34.22 5.89
C LYS A 173 20.59 35.32 4.83
N ASP A 174 21.70 35.32 4.10
CA ASP A 174 21.91 36.36 3.09
C ASP A 174 22.20 35.86 1.68
N SER A 175 22.03 34.56 1.46
CA SER A 175 22.24 34.01 0.13
C SER A 175 23.61 34.27 -0.47
N THR A 176 24.65 34.34 0.37
CA THR A 176 25.99 34.57 -0.16
C THR A 176 26.85 33.34 -0.01
N TYR A 177 27.95 33.32 -0.75
CA TYR A 177 28.87 32.23 -0.70
C TYR A 177 30.16 32.71 -0.01
N SER A 178 31.00 31.75 0.38
CA SER A 178 32.26 32.04 1.01
C SER A 178 33.24 30.98 0.53
N MET A 179 34.51 31.33 0.51
CA MET A 179 35.53 30.43 0.03
C MET A 179 36.81 30.58 0.81
N SER A 180 37.53 29.49 0.92
CA SER A 180 38.79 29.51 1.64
C SER A 180 39.87 28.93 0.75
N SER A 181 40.96 29.68 0.62
CA SER A 181 42.06 29.22 -0.19
C SER A 181 43.27 29.09 0.70
N THR A 182 44.00 28.00 0.50
CA THR A 182 45.18 27.78 1.31
C THR A 182 46.39 27.41 0.46
N LEU A 183 47.39 28.27 0.47
CA LEU A 183 48.62 28.02 -0.25
C LEU A 183 49.47 27.30 0.77
N THR A 184 49.92 26.10 0.41
CA THR A 184 50.72 25.30 1.31
C THR A 184 52.14 25.09 0.81
N LEU A 185 53.11 25.66 1.54
CA LEU A 185 54.50 25.50 1.21
C LEU A 185 55.21 24.92 2.41
N THR A 186 56.51 24.70 2.25
CA THR A 186 57.38 24.17 3.28
C THR A 186 58.02 25.33 4.01
N LYS A 187 58.44 25.12 5.25
CA LYS A 187 59.06 26.21 6.02
C LYS A 187 60.26 26.80 5.29
N ASP A 188 60.94 25.99 4.49
CA ASP A 188 62.11 26.44 3.75
C ASP A 188 61.71 27.37 2.63
N GLU A 189 60.73 26.96 1.83
CA GLU A 189 60.25 27.77 0.73
C GLU A 189 59.69 29.06 1.27
N TYR A 190 59.03 28.96 2.41
CA TYR A 190 58.42 30.13 3.02
C TYR A 190 59.43 31.17 3.49
N GLU A 191 60.41 30.69 4.25
CA GLU A 191 61.46 31.54 4.81
C GLU A 191 62.35 32.17 3.75
N ARG A 192 62.25 31.72 2.51
CA ARG A 192 63.09 32.30 1.48
C ARG A 192 62.34 33.27 0.57
N HIS A 193 61.31 33.90 1.11
CA HIS A 193 60.49 34.88 0.38
C HIS A 193 59.88 35.79 1.41
N ASN A 194 59.55 37.02 1.02
CA ASN A 194 58.98 37.96 2.00
C ASN A 194 57.52 38.36 1.86
N SER A 195 57.13 38.81 0.67
CA SER A 195 55.76 39.25 0.46
C SER A 195 54.83 38.17 -0.08
N TYR A 196 53.73 37.98 0.64
CA TYR A 196 52.71 36.98 0.31
C TYR A 196 51.38 37.69 0.07
N THR A 197 50.90 37.66 -1.17
CA THR A 197 49.64 38.30 -1.56
C THR A 197 48.57 37.32 -2.03
N CYS A 198 47.34 37.61 -1.63
CA CYS A 198 46.18 36.82 -1.98
C CYS A 198 45.22 37.80 -2.65
N GLU A 199 44.89 37.59 -3.92
CA GLU A 199 43.95 38.50 -4.58
C GLU A 199 42.73 37.85 -5.28
N ALA A 200 41.57 38.48 -5.18
CA ALA A 200 40.36 37.94 -5.77
C ALA A 200 39.84 38.72 -6.97
N THR A 201 39.32 37.99 -7.95
CA THR A 201 38.76 38.56 -9.17
C THR A 201 37.35 38.01 -9.43
N HIS A 202 36.45 38.84 -9.92
CA HIS A 202 35.09 38.42 -10.20
C HIS A 202 34.87 38.15 -11.69
N LYS A 203 34.97 36.87 -12.07
CA LYS A 203 34.78 36.46 -13.45
C LYS A 203 35.79 37.14 -14.37
N THR A 204 35.38 38.24 -15.00
CA THR A 204 36.25 38.98 -15.90
C THR A 204 36.80 40.22 -15.20
N SER A 205 36.07 41.32 -15.31
CA SER A 205 36.48 42.58 -14.68
C SER A 205 37.96 42.88 -14.92
N THR A 206 38.56 43.61 -13.98
CA THR A 206 39.97 43.98 -14.08
C THR A 206 40.47 44.53 -12.75
N SER A 207 39.54 45.09 -11.97
CA SER A 207 39.89 45.66 -10.66
C SER A 207 39.75 44.60 -9.56
N PRO A 208 40.88 44.01 -9.14
CA PRO A 208 40.88 42.98 -8.11
C PRO A 208 40.79 43.53 -6.70
N ILE A 209 40.78 42.63 -5.73
CA ILE A 209 40.77 43.00 -4.33
C ILE A 209 41.95 42.23 -3.78
N VAL A 210 42.98 42.92 -3.29
CA VAL A 210 44.14 42.22 -2.78
C VAL A 210 44.31 42.42 -1.30
N LYS A 211 45.09 41.51 -0.72
CA LYS A 211 45.44 41.53 0.69
C LYS A 211 46.83 40.87 0.73
N SER A 212 47.74 41.40 1.55
CA SER A 212 49.06 40.82 1.63
C SER A 212 49.69 41.08 2.97
N PHE A 213 50.85 40.48 3.20
CA PHE A 213 51.59 40.67 4.43
C PHE A 213 53.06 40.37 4.13
N ASN A 214 53.95 40.86 4.98
CA ASN A 214 55.36 40.62 4.80
C ASN A 214 55.79 39.82 6.01
N ARG A 215 56.81 38.98 5.86
CA ARG A 215 57.28 38.17 6.98
C ARG A 215 57.89 38.97 8.15
N ASN A 216 57.53 40.23 8.30
CA ASN A 216 58.01 41.09 9.38
C ASN A 216 57.02 42.23 9.70
N GLU B 1 8.37 14.94 21.62
CA GLU B 1 8.97 15.05 20.26
C GLU B 1 9.63 13.74 19.85
N VAL B 2 9.21 13.18 18.73
CA VAL B 2 9.80 11.93 18.24
C VAL B 2 11.29 12.24 18.09
N GLN B 3 12.14 11.32 18.54
CA GLN B 3 13.58 11.54 18.44
C GLN B 3 14.37 10.29 18.06
N LEU B 4 15.14 10.39 16.96
CA LEU B 4 15.95 9.29 16.47
C LEU B 4 17.44 9.62 16.58
N GLN B 5 18.11 8.94 17.52
CA GLN B 5 19.54 9.17 17.76
C GLN B 5 20.40 8.04 17.24
N GLN B 6 21.15 8.35 16.19
CA GLN B 6 22.05 7.39 15.55
C GLN B 6 23.45 7.40 16.15
N SER B 7 24.13 6.25 16.04
CA SER B 7 25.48 6.10 16.57
C SER B 7 26.52 6.98 15.87
N GLY B 8 27.71 7.02 16.44
CA GLY B 8 28.79 7.83 15.89
C GLY B 8 29.32 7.32 14.57
N PRO B 9 30.31 7.99 13.98
CA PRO B 9 30.92 7.62 12.69
C PRO B 9 31.75 6.35 12.77
N GLU B 10 32.01 5.77 11.61
CA GLU B 10 32.82 4.56 11.57
C GLU B 10 33.77 4.50 10.39
N LEU B 11 34.95 3.94 10.68
CA LEU B 11 35.99 3.69 9.70
C LEU B 11 36.11 2.18 9.80
N VAL B 12 35.79 1.49 8.70
CA VAL B 12 35.82 0.04 8.67
C VAL B 12 36.73 -0.42 7.55
N LYS B 13 37.50 -1.48 7.83
CA LYS B 13 38.41 -2.04 6.84
C LYS B 13 37.56 -2.73 5.80
N PRO B 14 37.95 -2.63 4.52
CA PRO B 14 37.18 -3.27 3.45
C PRO B 14 37.19 -4.76 3.64
N GLY B 15 36.05 -5.39 3.51
CA GLY B 15 36.00 -6.82 3.67
C GLY B 15 35.38 -7.13 5.00
N ALA B 16 35.52 -6.20 5.93
CA ALA B 16 34.96 -6.40 7.26
C ALA B 16 33.46 -6.08 7.23
N SER B 17 32.89 -5.88 8.42
CA SER B 17 31.48 -5.53 8.54
C SER B 17 31.28 -4.52 9.67
N VAL B 18 30.15 -3.82 9.68
CA VAL B 18 29.89 -2.83 10.72
C VAL B 18 28.42 -2.83 11.11
N LYS B 19 28.15 -2.48 12.37
CA LYS B 19 26.80 -2.45 12.90
C LYS B 19 26.51 -1.08 13.50
N MET B 20 25.42 -0.45 13.06
CA MET B 20 25.04 0.85 13.58
C MET B 20 23.70 0.74 14.29
N SER B 21 23.47 1.66 15.23
CA SER B 21 22.24 1.67 16.00
C SER B 21 21.47 2.97 15.80
N CYS B 22 20.17 2.91 16.09
CA CYS B 22 19.29 4.07 15.94
C CYS B 22 18.27 4.07 17.09
N LYS B 23 18.57 4.82 18.16
CA LYS B 23 17.68 4.88 19.34
C LYS B 23 16.48 5.79 19.20
N ALA B 24 15.29 5.21 19.29
CA ALA B 24 14.02 5.95 19.16
C ALA B 24 13.43 6.32 20.52
N SER B 25 12.76 7.47 20.56
CA SER B 25 12.11 7.96 21.77
C SER B 25 11.02 8.96 21.43
N GLY B 26 10.16 9.27 22.39
CA GLY B 26 9.09 10.20 22.12
C GLY B 26 7.90 9.57 21.44
N TYR B 27 7.84 8.23 21.42
CA TYR B 27 6.73 7.53 20.78
C TYR B 27 6.76 6.02 21.03
N THR B 28 5.66 5.34 20.74
CA THR B 28 5.58 3.88 20.95
C THR B 28 6.37 3.12 19.91
N PHE B 29 7.59 2.79 20.28
CA PHE B 29 8.50 2.09 19.40
C PHE B 29 7.93 1.00 18.48
N THR B 30 7.08 0.13 19.00
CA THR B 30 6.53 -0.95 18.17
C THR B 30 5.46 -0.51 17.17
N ASP B 31 4.78 0.58 17.48
CA ASP B 31 3.71 1.10 16.65
C ASP B 31 4.12 1.40 15.21
N TYR B 32 5.33 1.89 15.01
CA TYR B 32 5.79 2.25 13.68
C TYR B 32 6.98 1.50 13.14
N TYR B 33 6.97 1.32 11.82
CA TYR B 33 8.04 0.64 11.12
C TYR B 33 9.28 1.52 11.19
N MET B 34 10.45 0.89 11.21
CA MET B 34 11.70 1.64 11.22
C MET B 34 12.33 1.44 9.84
N LYS B 35 12.60 2.55 9.15
CA LYS B 35 13.16 2.50 7.81
C LYS B 35 14.62 2.98 7.74
N TRP B 36 15.36 2.50 6.73
CA TRP B 36 16.77 2.84 6.55
C TRP B 36 17.08 3.35 5.16
N VAL B 37 17.78 4.47 5.09
CA VAL B 37 18.14 5.08 3.82
C VAL B 37 19.65 5.30 3.82
N LYS B 38 20.25 5.24 2.64
CA LYS B 38 21.67 5.47 2.49
C LYS B 38 21.80 6.59 1.46
N GLN B 39 22.74 7.50 1.70
CA GLN B 39 22.98 8.64 0.80
C GLN B 39 24.48 8.72 0.55
N SER B 40 24.91 8.92 -0.71
CA SER B 40 26.35 8.95 -1.02
C SER B 40 27.04 10.21 -1.57
N HIS B 41 28.08 10.65 -0.85
CA HIS B 41 28.88 11.81 -1.22
C HIS B 41 28.23 12.77 -2.21
N GLY B 42 28.25 12.40 -3.49
CA GLY B 42 27.65 13.23 -4.52
C GLY B 42 26.19 13.53 -4.26
N LYS B 43 25.69 13.03 -3.13
CA LYS B 43 24.30 13.23 -2.72
C LYS B 43 23.29 12.55 -3.64
N SER B 44 22.63 11.51 -3.13
CA SER B 44 21.63 10.75 -3.86
C SER B 44 21.12 9.66 -2.91
N LEU B 45 19.83 9.73 -2.58
CA LEU B 45 19.20 8.82 -1.63
C LEU B 45 18.69 7.47 -2.13
N GLU B 46 18.90 6.45 -1.30
CA GLU B 46 18.45 5.09 -1.64
C GLU B 46 17.82 4.42 -0.45
N TRP B 47 16.71 3.76 -0.68
CA TRP B 47 16.03 3.09 0.40
C TRP B 47 16.71 1.75 0.62
N ILE B 48 16.99 1.39 1.86
CA ILE B 48 17.61 0.09 2.13
C ILE B 48 16.53 -0.95 2.48
N GLY B 49 15.80 -0.68 3.54
CA GLY B 49 14.76 -1.61 3.93
C GLY B 49 14.08 -1.11 5.17
N ASP B 50 12.94 -1.73 5.51
CA ASP B 50 12.19 -1.36 6.70
C ASP B 50 12.19 -2.58 7.60
N ILE B 51 11.79 -2.36 8.85
CA ILE B 51 11.71 -3.44 9.82
C ILE B 51 10.53 -3.16 10.75
N ASN B 52 9.77 -4.20 11.06
CA ASN B 52 8.64 -4.05 11.96
C ASN B 52 9.13 -4.34 13.36
N PRO B 53 9.34 -3.28 14.15
CA PRO B 53 9.83 -3.44 15.52
C PRO B 53 9.07 -4.52 16.29
N ASN B 54 7.78 -4.60 16.04
CA ASN B 54 6.89 -5.55 16.68
C ASN B 54 7.26 -7.03 16.56
N ASN B 55 7.21 -7.55 15.34
CA ASN B 55 7.52 -8.95 15.09
C ASN B 55 8.85 -9.15 14.38
N GLY B 56 9.63 -8.09 14.22
CA GLY B 56 10.88 -8.24 13.52
C GLY B 56 10.63 -8.49 12.04
N GLY B 57 9.48 -8.04 11.55
CA GLY B 57 9.15 -8.19 10.14
C GLY B 57 10.18 -7.40 9.35
N THR B 58 10.51 -7.85 8.16
CA THR B 58 11.55 -7.15 7.42
C THR B 58 11.32 -6.94 5.93
N GLY B 59 11.61 -5.74 5.44
CA GLY B 59 11.44 -5.43 4.03
C GLY B 59 12.74 -4.91 3.46
N TYR B 60 13.25 -5.52 2.40
CA TYR B 60 14.53 -5.12 1.81
C TYR B 60 14.50 -4.73 0.36
N ASN B 61 15.23 -3.67 0.05
CA ASN B 61 15.38 -3.21 -1.31
C ASN B 61 16.30 -4.30 -1.90
N GLN B 62 15.83 -4.98 -2.95
CA GLN B 62 16.60 -6.07 -3.56
C GLN B 62 18.12 -5.86 -3.57
N LYS B 63 18.56 -4.67 -3.97
CA LYS B 63 19.99 -4.36 -4.00
C LYS B 63 20.70 -4.67 -2.69
N PHE B 64 20.04 -4.37 -1.57
CA PHE B 64 20.65 -4.58 -0.28
C PHE B 64 20.33 -5.88 0.45
N LYS B 65 19.65 -6.81 -0.21
CA LYS B 65 19.34 -8.07 0.43
C LYS B 65 20.66 -8.83 0.52
N GLY B 66 21.08 -9.18 1.73
CA GLY B 66 22.34 -9.89 1.89
C GLY B 66 23.47 -8.98 2.32
N LYS B 67 23.36 -7.70 1.97
CA LYS B 67 24.35 -6.70 2.33
C LYS B 67 23.93 -6.06 3.65
N ALA B 68 22.66 -5.70 3.74
CA ALA B 68 22.12 -5.08 4.94
C ALA B 68 21.37 -6.12 5.77
N THR B 69 21.37 -5.94 7.07
CA THR B 69 20.68 -6.86 7.96
C THR B 69 20.03 -6.13 9.13
N LEU B 70 18.80 -5.70 8.89
CA LEU B 70 18.02 -4.97 9.89
C LEU B 70 17.67 -5.85 11.09
N THR B 71 17.75 -5.26 12.26
CA THR B 71 17.48 -5.93 13.51
C THR B 71 16.92 -4.87 14.43
N VAL B 72 16.24 -5.31 15.49
CA VAL B 72 15.64 -4.35 16.44
C VAL B 72 15.69 -4.93 17.85
N ASP B 73 15.55 -4.07 18.85
CA ASP B 73 15.55 -4.49 20.26
C ASP B 73 14.45 -3.72 21.00
N LYS B 74 13.32 -4.38 21.18
CA LYS B 74 12.16 -3.77 21.81
C LYS B 74 12.45 -3.09 23.15
N SER B 75 13.09 -3.83 24.06
CA SER B 75 13.40 -3.35 25.41
C SER B 75 14.20 -2.06 25.50
N SER B 76 14.94 -1.74 24.45
CA SER B 76 15.73 -0.52 24.44
C SER B 76 15.27 0.45 23.36
N SER B 77 14.17 0.10 22.69
CA SER B 77 13.65 0.95 21.63
C SER B 77 14.81 1.30 20.72
N THR B 78 15.63 0.30 20.39
CA THR B 78 16.77 0.55 19.51
C THR B 78 16.76 -0.30 18.23
N ALA B 79 17.05 0.37 17.12
CA ALA B 79 17.10 -0.28 15.83
C ALA B 79 18.56 -0.48 15.43
N TYR B 80 18.84 -1.61 14.78
CA TYR B 80 20.19 -1.88 14.33
C TYR B 80 20.21 -2.24 12.86
N MET B 81 21.32 -1.90 12.22
CA MET B 81 21.55 -2.22 10.83
C MET B 81 22.97 -2.71 10.73
N GLN B 82 23.19 -3.82 10.05
CA GLN B 82 24.51 -4.35 9.91
C GLN B 82 24.84 -4.49 8.44
N LEU B 83 26.00 -3.99 8.07
CA LEU B 83 26.45 -4.07 6.69
C LEU B 83 27.56 -5.12 6.66
N ASN B 84 27.42 -6.08 5.78
CA ASN B 84 28.39 -7.15 5.64
C ASN B 84 29.31 -6.94 4.45
N SER B 85 30.47 -7.59 4.49
CA SER B 85 31.48 -7.51 3.43
C SER B 85 31.63 -6.14 2.80
N LEU B 86 31.90 -5.15 3.62
CA LEU B 86 32.03 -3.78 3.15
C LEU B 86 33.05 -3.57 2.05
N THR B 87 32.77 -2.59 1.21
CA THR B 87 33.63 -2.23 0.11
C THR B 87 33.50 -0.72 0.02
N SER B 88 34.41 -0.07 -0.71
CA SER B 88 34.36 1.39 -0.80
C SER B 88 33.00 1.96 -1.23
N GLU B 89 32.21 1.16 -1.95
CA GLU B 89 30.87 1.62 -2.37
C GLU B 89 30.01 1.85 -1.15
N ASP B 90 30.27 1.07 -0.12
CA ASP B 90 29.51 1.18 1.10
C ASP B 90 29.92 2.38 1.94
N SER B 91 30.73 3.26 1.37
CA SER B 91 31.14 4.47 2.10
C SER B 91 30.06 5.49 1.78
N ALA B 92 29.28 5.86 2.81
CA ALA B 92 28.23 6.83 2.61
C ALA B 92 27.61 7.18 3.93
N VAL B 93 26.45 7.83 3.88
CA VAL B 93 25.74 8.18 5.10
C VAL B 93 24.46 7.36 5.18
N TYR B 94 24.19 6.82 6.35
CA TYR B 94 23.03 6.01 6.57
C TYR B 94 22.10 6.64 7.59
N TYR B 95 20.84 6.82 7.21
CA TYR B 95 19.84 7.40 8.09
C TYR B 95 18.80 6.35 8.40
N CYS B 96 18.19 6.48 9.56
CA CYS B 96 17.12 5.60 9.95
C CYS B 96 15.99 6.63 10.04
N ALA B 97 14.79 6.22 9.64
CA ALA B 97 13.66 7.12 9.66
C ALA B 97 12.43 6.33 10.06
N ASN B 98 11.31 7.02 10.22
CA ASN B 98 10.06 6.37 10.57
C ASN B 98 8.93 7.25 10.06
N ASP B 99 7.74 6.68 10.01
CA ASP B 99 6.56 7.38 9.49
C ASP B 99 5.57 7.81 10.56
N TYR B 100 6.08 8.20 11.72
CA TYR B 100 5.19 8.65 12.78
C TYR B 100 4.29 9.75 12.23
N GLY B 101 2.98 9.49 12.22
CA GLY B 101 2.05 10.45 11.67
C GLY B 101 1.48 9.91 10.38
N SER B 102 1.95 8.74 9.99
CA SER B 102 1.51 8.06 8.78
C SER B 102 1.36 8.99 7.59
N THR B 103 2.45 9.62 7.18
CA THR B 103 2.40 10.50 6.01
C THR B 103 2.66 9.66 4.78
N TYR B 104 2.94 8.37 5.02
CA TYR B 104 3.25 7.38 3.99
C TYR B 104 4.52 7.77 3.25
N GLY B 105 5.44 8.33 4.03
CA GLY B 105 6.72 8.76 3.52
C GLY B 105 7.68 8.63 4.68
N PHE B 106 8.76 9.40 4.64
CA PHE B 106 9.74 9.40 5.72
C PHE B 106 9.58 10.73 6.46
N ALA B 107 8.82 10.70 7.55
CA ALA B 107 8.54 11.89 8.32
C ALA B 107 9.67 12.36 9.24
N TYR B 108 10.21 11.45 10.04
CA TYR B 108 11.31 11.79 10.95
C TYR B 108 12.58 11.05 10.60
N TRP B 109 13.72 11.74 10.73
CA TRP B 109 15.02 11.14 10.40
C TRP B 109 16.05 11.27 11.50
N GLY B 110 17.03 10.38 11.50
CA GLY B 110 18.11 10.46 12.46
C GLY B 110 19.05 11.49 11.89
N GLN B 111 20.13 11.80 12.59
CA GLN B 111 21.07 12.80 12.08
C GLN B 111 22.11 12.19 11.15
N GLY B 112 22.02 10.88 10.91
CA GLY B 112 22.96 10.23 10.01
C GLY B 112 24.18 9.60 10.65
N THR B 113 24.80 8.67 9.92
CA THR B 113 26.01 8.00 10.38
C THR B 113 26.92 7.86 9.18
N LEU B 114 28.13 8.39 9.29
CA LEU B 114 29.09 8.35 8.20
C LEU B 114 29.98 7.12 8.32
N VAL B 115 29.93 6.28 7.30
CA VAL B 115 30.78 5.09 7.30
C VAL B 115 31.83 5.24 6.21
N THR B 116 33.08 5.10 6.60
CA THR B 116 34.16 5.17 5.64
C THR B 116 34.81 3.79 5.61
N VAL B 117 34.75 3.15 4.46
CA VAL B 117 35.34 1.84 4.30
C VAL B 117 36.75 2.07 3.76
N SER B 118 37.77 1.81 4.57
CA SER B 118 39.16 2.00 4.11
C SER B 118 40.24 1.30 4.93
N ALA B 119 41.25 0.79 4.22
CA ALA B 119 42.38 0.09 4.85
C ALA B 119 43.32 1.05 5.58
N ALA B 120 43.12 2.35 5.37
CA ALA B 120 43.93 3.40 5.98
C ALA B 120 43.82 3.51 7.50
N LYS B 121 44.86 4.04 8.12
CA LYS B 121 44.86 4.20 9.57
C LYS B 121 44.35 5.59 9.86
N THR B 122 43.71 5.74 11.00
CA THR B 122 43.19 7.04 11.38
C THR B 122 44.34 7.95 11.82
N THR B 123 44.35 9.18 11.32
CA THR B 123 45.36 10.17 11.65
C THR B 123 44.66 11.35 12.30
N PRO B 124 45.13 11.79 13.47
CA PRO B 124 44.50 12.93 14.13
C PRO B 124 44.85 14.23 13.42
N PRO B 125 44.02 15.28 13.58
CA PRO B 125 44.28 16.55 12.91
C PRO B 125 45.28 17.41 13.64
N SER B 126 45.91 18.33 12.91
CA SER B 126 46.87 19.27 13.49
C SER B 126 46.09 20.57 13.53
N VAL B 127 45.82 21.07 14.72
CA VAL B 127 45.05 22.30 14.87
C VAL B 127 45.91 23.52 15.05
N TYR B 128 45.87 24.43 14.07
CA TYR B 128 46.66 25.64 14.10
C TYR B 128 45.77 26.87 14.17
N PRO B 129 46.05 27.78 15.08
CA PRO B 129 45.21 28.96 15.17
C PRO B 129 45.63 29.99 14.12
N LEU B 130 44.69 30.80 13.67
CA LEU B 130 44.98 31.82 12.70
C LEU B 130 44.62 33.17 13.26
N ALA B 131 45.65 33.95 13.60
CA ALA B 131 45.46 35.28 14.14
C ALA B 131 45.79 36.34 13.10
N PRO B 132 45.18 37.52 13.22
CA PRO B 132 45.42 38.60 12.28
C PRO B 132 46.90 38.96 12.19
N GLY B 133 47.50 39.26 13.33
CA GLY B 133 48.90 39.62 13.38
C GLY B 133 49.08 41.13 13.29
N SER B 134 48.83 41.82 14.39
CA SER B 134 48.95 43.27 14.43
C SER B 134 48.20 43.90 13.27
N ALA B 135 46.89 43.99 13.39
CA ALA B 135 46.06 44.56 12.34
C ALA B 135 45.09 45.60 12.91
N ALA B 136 43.95 45.75 12.26
CA ALA B 136 42.93 46.71 12.70
C ALA B 136 42.43 46.38 14.10
N GLN B 137 41.93 47.39 14.79
CA GLN B 137 41.41 47.22 16.15
C GLN B 137 40.74 48.50 16.64
N THR B 138 39.68 48.91 15.96
CA THR B 138 38.97 50.12 16.33
C THR B 138 37.53 50.14 15.80
N ASN B 139 36.62 49.51 16.55
CA ASN B 139 35.21 49.45 16.18
C ASN B 139 34.98 48.82 14.81
N SER B 140 36.00 48.13 14.30
CA SER B 140 35.90 47.46 13.01
C SER B 140 36.07 45.94 13.12
N MET B 141 35.04 45.21 12.70
CA MET B 141 35.03 43.74 12.72
C MET B 141 36.41 43.12 12.48
N VAL B 142 36.64 41.95 13.09
CA VAL B 142 37.92 41.24 12.97
C VAL B 142 37.69 39.74 12.74
N THR B 143 38.33 39.19 11.71
CA THR B 143 38.18 37.77 11.39
C THR B 143 39.33 36.91 11.93
N LEU B 144 38.95 35.80 12.55
CA LEU B 144 39.91 34.87 13.12
C LEU B 144 39.65 33.54 12.46
N GLY B 145 40.69 32.72 12.40
CA GLY B 145 40.53 31.43 11.77
C GLY B 145 41.17 30.32 12.55
N CYS B 146 40.78 29.10 12.20
CA CYS B 146 41.33 27.92 12.83
C CYS B 146 41.57 26.94 11.70
N LEU B 147 42.82 26.51 11.54
CA LEU B 147 43.13 25.57 10.48
C LEU B 147 43.25 24.18 11.04
N VAL B 148 42.43 23.26 10.53
CA VAL B 148 42.47 21.87 10.97
C VAL B 148 42.98 21.06 9.79
N LYS B 149 44.25 20.66 9.83
CA LYS B 149 44.80 19.94 8.69
C LYS B 149 45.47 18.60 8.93
N GLY B 150 45.42 17.79 7.87
CA GLY B 150 46.01 16.47 7.83
C GLY B 150 45.35 15.40 8.68
N TYR B 151 44.03 15.24 8.57
CA TYR B 151 43.34 14.24 9.37
C TYR B 151 42.63 13.18 8.55
N PHE B 152 42.22 12.13 9.23
CA PHE B 152 41.53 11.02 8.61
C PHE B 152 40.97 10.08 9.67
N PRO B 153 39.73 9.61 9.47
CA PRO B 153 38.92 9.95 8.30
C PRO B 153 37.94 11.05 8.71
N GLU B 154 36.94 11.31 7.89
CA GLU B 154 35.95 12.32 8.24
C GLU B 154 35.07 11.71 9.34
N PRO B 155 34.39 12.55 10.13
CA PRO B 155 34.39 14.00 10.07
C PRO B 155 35.14 14.61 11.24
N VAL B 156 35.07 15.93 11.34
CA VAL B 156 35.66 16.68 12.45
C VAL B 156 34.67 17.79 12.79
N THR B 157 34.53 18.05 14.09
CA THR B 157 33.63 19.09 14.52
C THR B 157 34.38 20.28 15.07
N VAL B 158 34.25 21.41 14.38
CA VAL B 158 34.91 22.63 14.83
C VAL B 158 33.82 23.47 15.49
N THR B 159 34.20 24.10 16.60
CA THR B 159 33.26 24.93 17.34
C THR B 159 34.01 26.14 17.85
N TRP B 160 33.30 27.24 18.01
CA TRP B 160 33.94 28.44 18.50
C TRP B 160 33.43 28.76 19.88
N ASN B 161 34.32 28.70 20.86
CA ASN B 161 33.99 29.01 22.23
C ASN B 161 32.92 28.09 22.79
N SER B 162 33.14 26.79 22.67
CA SER B 162 32.16 25.82 23.18
C SER B 162 30.78 26.00 22.55
N GLY B 163 30.63 26.98 21.66
CA GLY B 163 29.34 27.17 21.00
C GLY B 163 28.70 28.53 21.20
N SER B 164 29.22 29.32 22.13
CA SER B 164 28.68 30.64 22.40
C SER B 164 28.66 31.49 21.13
N LEU B 165 29.66 31.27 20.29
CA LEU B 165 29.75 32.00 19.04
C LEU B 165 29.24 31.11 17.93
N SER B 166 28.10 31.47 17.35
CA SER B 166 27.50 30.72 16.24
C SER B 166 27.41 31.63 15.02
N SER B 167 27.26 32.92 15.27
CA SER B 167 27.14 33.91 14.22
C SER B 167 28.51 34.40 13.78
N GLY B 168 28.72 34.46 12.47
CA GLY B 168 29.98 34.90 11.93
C GLY B 168 30.84 33.72 11.54
N VAL B 169 30.48 32.55 12.04
CA VAL B 169 31.23 31.35 11.73
C VAL B 169 31.03 30.92 10.29
N HIS B 170 32.07 30.32 9.74
CA HIS B 170 32.10 29.82 8.38
C HIS B 170 33.04 28.60 8.39
N THR B 171 32.47 27.40 8.48
CA THR B 171 33.27 26.18 8.48
C THR B 171 33.27 25.63 7.07
N PHE B 172 34.41 25.68 6.40
CA PHE B 172 34.49 25.17 5.03
C PHE B 172 34.60 23.67 4.94
N PRO B 173 34.10 23.08 3.84
CA PRO B 173 34.14 21.63 3.59
C PRO B 173 35.57 21.14 3.49
N ALA B 174 35.80 19.93 3.96
CA ALA B 174 37.14 19.34 3.94
C ALA B 174 37.55 18.99 2.52
N VAL B 175 38.83 19.19 2.21
CA VAL B 175 39.38 18.85 0.90
C VAL B 175 40.36 17.73 1.18
N LEU B 176 40.70 16.99 0.14
CA LEU B 176 41.60 15.87 0.31
C LEU B 176 42.99 16.13 -0.26
N GLN B 177 43.93 16.50 0.62
CA GLN B 177 45.31 16.72 0.21
C GLN B 177 46.00 15.39 0.49
N SER B 178 46.71 14.86 -0.51
CA SER B 178 47.35 13.56 -0.36
C SER B 178 46.21 12.59 -0.07
N ASP B 179 46.34 11.87 1.03
CA ASP B 179 45.31 10.92 1.41
C ASP B 179 44.88 11.32 2.80
N LEU B 180 44.91 12.63 3.02
CA LEU B 180 44.52 13.20 4.29
C LEU B 180 43.51 14.31 4.03
N TYR B 181 42.82 14.69 5.08
CA TYR B 181 41.82 15.73 4.98
C TYR B 181 42.29 17.04 5.56
N THR B 182 41.73 18.13 5.09
CA THR B 182 42.05 19.46 5.61
C THR B 182 40.86 20.37 5.41
N LEU B 183 40.48 21.05 6.47
CA LEU B 183 39.38 22.00 6.42
C LEU B 183 39.81 23.15 7.32
N SER B 184 39.05 24.23 7.27
CA SER B 184 39.35 25.39 8.10
C SER B 184 38.06 26.11 8.44
N SER B 185 38.03 26.78 9.57
CA SER B 185 36.84 27.52 9.91
C SER B 185 37.28 28.90 10.31
N SER B 186 36.38 29.85 10.10
CA SER B 186 36.66 31.23 10.43
C SER B 186 35.51 31.79 11.22
N VAL B 187 35.78 32.84 11.97
CA VAL B 187 34.73 33.51 12.73
C VAL B 187 35.01 35.01 12.76
N THR B 188 34.00 35.80 12.44
CA THR B 188 34.13 37.25 12.43
C THR B 188 33.57 37.83 13.72
N VAL B 189 34.40 38.57 14.46
CA VAL B 189 33.93 39.18 15.70
C VAL B 189 34.27 40.67 15.77
N PRO B 190 33.49 41.45 16.53
CA PRO B 190 33.72 42.89 16.67
C PRO B 190 35.09 43.16 17.30
N SER B 191 35.72 44.27 16.92
CA SER B 191 37.03 44.62 17.46
C SER B 191 36.99 44.59 18.98
N SER B 192 35.83 44.90 19.57
CA SER B 192 35.69 44.89 21.02
C SER B 192 36.02 43.48 21.56
N PRO B 193 35.25 42.45 21.16
CA PRO B 193 35.52 41.10 21.62
C PRO B 193 37.01 40.80 21.76
N ARG B 194 37.68 40.43 20.65
CA ARG B 194 39.12 40.15 20.72
C ARG B 194 39.94 41.38 20.38
N PRO B 195 41.15 41.50 20.95
CA PRO B 195 41.77 40.54 21.87
C PRO B 195 41.32 40.58 23.33
N SER B 196 40.32 41.42 23.63
CA SER B 196 39.82 41.52 25.00
C SER B 196 39.28 40.17 25.49
N GLU B 197 38.05 39.84 25.10
CA GLU B 197 37.42 38.59 25.47
C GLU B 197 38.11 37.44 24.75
N THR B 198 38.24 36.33 25.45
CA THR B 198 38.88 35.13 24.92
C THR B 198 38.13 34.52 23.76
N VAL B 199 38.86 34.04 22.76
CA VAL B 199 38.24 33.40 21.61
C VAL B 199 38.97 32.08 21.38
N THR B 200 38.25 30.97 21.57
CA THR B 200 38.85 29.68 21.35
C THR B 200 38.13 28.95 20.25
N CYS B 201 38.80 27.94 19.71
CA CYS B 201 38.26 27.14 18.64
C CYS B 201 38.42 25.73 19.19
N ASN B 202 37.35 24.95 19.14
CA ASN B 202 37.39 23.61 19.68
C ASN B 202 37.14 22.58 18.61
N VAL B 203 38.21 21.86 18.29
CA VAL B 203 38.17 20.82 17.27
C VAL B 203 38.02 19.44 17.91
N ALA B 204 37.20 18.61 17.29
CA ALA B 204 36.97 17.27 17.80
C ALA B 204 36.99 16.32 16.63
N HIS B 205 37.81 15.27 16.72
CA HIS B 205 37.92 14.28 15.67
C HIS B 205 37.55 12.92 16.23
N PRO B 206 36.24 12.58 16.20
CA PRO B 206 35.71 11.32 16.71
C PRO B 206 36.57 10.08 16.41
N ALA B 207 36.80 9.77 15.15
CA ALA B 207 37.59 8.59 14.80
C ALA B 207 38.78 8.33 15.72
N SER B 208 39.37 9.38 16.29
CA SER B 208 40.54 9.17 17.17
C SER B 208 40.41 9.77 18.57
N SER B 209 39.18 10.05 19.00
CA SER B 209 38.95 10.61 20.32
C SER B 209 39.91 11.78 20.57
N THR B 210 40.11 12.59 19.54
CA THR B 210 40.99 13.75 19.61
C THR B 210 40.18 15.01 19.92
N LYS B 211 40.43 15.65 21.05
CA LYS B 211 39.71 16.87 21.39
C LYS B 211 40.69 17.99 21.66
N VAL B 212 40.63 19.04 20.86
CA VAL B 212 41.53 20.17 21.01
C VAL B 212 40.84 21.51 21.19
N ASP B 213 41.42 22.35 22.01
CA ASP B 213 40.89 23.69 22.25
C ASP B 213 42.06 24.64 22.07
N LYS B 214 42.21 25.19 20.86
CA LYS B 214 43.29 26.13 20.57
C LYS B 214 42.79 27.56 20.75
N LYS B 215 43.48 28.33 21.59
CA LYS B 215 43.09 29.72 21.84
C LYS B 215 43.71 30.64 20.81
N ILE B 216 42.93 31.60 20.32
CA ILE B 216 43.44 32.54 19.32
C ILE B 216 44.03 33.79 19.97
N VAL B 217 45.36 33.87 19.95
CA VAL B 217 46.05 35.01 20.54
C VAL B 217 46.75 35.77 19.42
N PRO B 218 47.11 37.03 19.68
CA PRO B 218 47.79 37.90 18.70
C PRO B 218 49.30 37.73 18.64
N ASP C 1 -3.65 -4.25 -15.93
CA ASP C 1 -4.31 -5.01 -14.82
C ASP C 1 -3.55 -6.30 -14.51
N MET C 2 -3.61 -6.72 -13.25
CA MET C 2 -2.94 -7.94 -12.81
C MET C 2 -3.87 -9.14 -12.87
N VAL C 3 -3.40 -10.23 -13.48
CA VAL C 3 -4.18 -11.45 -13.63
C VAL C 3 -3.90 -12.48 -12.54
N LEU C 4 -4.95 -12.97 -11.89
CA LEU C 4 -4.78 -13.98 -10.84
C LEU C 4 -5.29 -15.33 -11.33
N THR C 5 -4.37 -16.25 -11.59
CA THR C 5 -4.75 -17.57 -12.05
C THR C 5 -4.80 -18.60 -10.93
N GLN C 6 -6.00 -19.06 -10.65
CA GLN C 6 -6.23 -20.06 -9.61
C GLN C 6 -6.16 -21.46 -10.23
N SER C 7 -5.65 -22.42 -9.48
CA SER C 7 -5.57 -23.77 -9.99
C SER C 7 -5.50 -24.74 -8.82
N PRO C 8 -6.24 -25.86 -8.91
CA PRO C 8 -7.11 -26.28 -10.02
C PRO C 8 -8.41 -25.49 -10.03
N ALA C 9 -9.30 -25.81 -10.98
CA ALA C 9 -10.57 -25.12 -11.09
C ALA C 9 -11.60 -25.83 -10.25
N SER C 10 -11.52 -27.16 -10.23
CA SER C 10 -12.42 -27.99 -9.47
C SER C 10 -11.56 -29.01 -8.76
N LEU C 11 -12.01 -29.47 -7.60
CA LEU C 11 -11.24 -30.47 -6.88
C LEU C 11 -12.12 -31.15 -5.85
N ALA C 12 -12.09 -32.48 -5.87
CA ALA C 12 -12.88 -33.28 -4.94
C ALA C 12 -11.93 -33.86 -3.92
N VAL C 13 -12.33 -33.84 -2.66
CA VAL C 13 -11.47 -34.33 -1.61
C VAL C 13 -12.26 -35.03 -0.49
N SER C 14 -11.84 -36.25 -0.15
CA SER C 14 -12.51 -37.01 0.89
C SER C 14 -12.37 -36.35 2.24
N LEU C 15 -13.40 -36.48 3.08
CA LEU C 15 -13.38 -35.87 4.41
C LEU C 15 -12.18 -36.27 5.23
N GLY C 16 -11.57 -35.28 5.90
CA GLY C 16 -10.41 -35.53 6.73
C GLY C 16 -9.12 -35.34 5.96
N GLN C 17 -9.20 -35.41 4.63
CA GLN C 17 -8.03 -35.26 3.78
C GLN C 17 -7.55 -33.80 3.74
N ARG C 18 -6.58 -33.51 2.88
CA ARG C 18 -6.02 -32.16 2.74
C ARG C 18 -6.37 -31.55 1.40
N ALA C 19 -6.62 -30.25 1.40
CA ALA C 19 -6.96 -29.55 0.18
C ALA C 19 -6.01 -28.37 -0.03
N THR C 20 -5.39 -28.32 -1.19
CA THR C 20 -4.44 -27.27 -1.51
C THR C 20 -4.86 -26.55 -2.77
N ILE C 21 -5.16 -25.25 -2.65
CA ILE C 21 -5.54 -24.46 -3.81
C ILE C 21 -4.42 -23.49 -4.11
N SER C 22 -4.05 -23.39 -5.39
CA SER C 22 -3.00 -22.49 -5.82
C SER C 22 -3.52 -21.22 -6.43
N CYS C 23 -2.72 -20.17 -6.30
CA CYS C 23 -3.06 -18.89 -6.86
C CYS C 23 -1.75 -18.28 -7.34
N LYS C 24 -1.72 -17.91 -8.61
CA LYS C 24 -0.53 -17.35 -9.22
C LYS C 24 -0.81 -15.95 -9.77
N ALA C 25 -0.19 -14.95 -9.15
CA ALA C 25 -0.34 -13.56 -9.59
C ALA C 25 0.57 -13.38 -10.79
N SER C 26 0.17 -12.53 -11.71
CA SER C 26 0.97 -12.29 -12.90
C SER C 26 2.17 -11.42 -12.54
N GLN C 27 2.01 -10.60 -11.52
CA GLN C 27 3.09 -9.72 -11.05
C GLN C 27 3.37 -10.10 -9.59
N SER C 28 4.28 -9.37 -8.95
CA SER C 28 4.58 -9.63 -7.55
C SER C 28 3.59 -8.81 -6.74
N VAL C 29 3.21 -9.31 -5.58
CA VAL C 29 2.25 -8.58 -4.77
C VAL C 29 2.83 -8.25 -3.41
N ASP C 30 4.16 -8.16 -3.36
CA ASP C 30 4.89 -7.84 -2.13
C ASP C 30 5.10 -6.36 -2.02
N TYR C 31 5.10 -5.87 -0.79
CA TYR C 31 5.28 -4.47 -0.56
C TYR C 31 5.80 -4.27 0.85
N ASP C 32 7.09 -3.97 0.95
CA ASP C 32 7.74 -3.73 2.23
C ASP C 32 7.77 -4.98 3.09
N GLY C 33 8.03 -6.12 2.45
CA GLY C 33 8.09 -7.38 3.19
C GLY C 33 6.77 -8.07 3.45
N ASP C 34 5.69 -7.54 2.92
CA ASP C 34 4.39 -8.16 3.13
C ASP C 34 3.74 -8.51 1.80
N SER C 35 3.25 -9.73 1.69
CA SER C 35 2.57 -10.14 0.47
C SER C 35 1.07 -9.90 0.63
N TYR C 36 0.53 -8.98 -0.16
CA TYR C 36 -0.90 -8.69 -0.04
C TYR C 36 -1.83 -9.50 -0.93
N MET C 37 -2.10 -10.71 -0.44
CA MET C 37 -2.98 -11.68 -1.08
C MET C 37 -3.96 -12.14 -0.02
N ASN C 38 -5.26 -12.05 -0.33
CA ASN C 38 -6.27 -12.50 0.63
C ASN C 38 -7.04 -13.65 0.02
N TRP C 39 -7.68 -14.43 0.86
CA TRP C 39 -8.45 -15.57 0.39
C TRP C 39 -9.86 -15.49 0.94
N TYR C 40 -10.86 -15.69 0.07
CA TYR C 40 -12.25 -15.66 0.48
C TYR C 40 -12.91 -17.00 0.21
N GLN C 41 -13.95 -17.28 0.98
CA GLN C 41 -14.70 -18.51 0.83
C GLN C 41 -16.11 -18.06 0.48
N GLN C 42 -16.75 -18.70 -0.50
CA GLN C 42 -18.10 -18.29 -0.84
C GLN C 42 -19.04 -19.48 -1.04
N LYS C 43 -20.02 -19.58 -0.14
CA LYS C 43 -21.01 -20.64 -0.22
C LYS C 43 -22.12 -20.09 -1.07
N PRO C 44 -22.65 -20.90 -1.99
CA PRO C 44 -23.72 -20.43 -2.86
C PRO C 44 -24.81 -19.70 -2.10
N GLY C 45 -25.21 -18.56 -2.62
CA GLY C 45 -26.27 -17.80 -1.99
C GLY C 45 -25.82 -16.71 -1.04
N GLN C 46 -24.52 -16.54 -0.85
CA GLN C 46 -24.06 -15.49 0.08
C GLN C 46 -22.82 -14.74 -0.37
N PRO C 47 -22.53 -13.58 0.27
CA PRO C 47 -21.35 -12.80 -0.08
C PRO C 47 -20.11 -13.57 0.33
N PRO C 48 -18.97 -13.25 -0.27
CA PRO C 48 -17.74 -13.96 0.10
C PRO C 48 -17.36 -13.74 1.57
N LYS C 49 -16.64 -14.69 2.13
CA LYS C 49 -16.18 -14.60 3.51
C LYS C 49 -14.66 -14.51 3.51
N LEU C 50 -14.13 -13.46 4.13
CA LEU C 50 -12.68 -13.29 4.22
C LEU C 50 -12.11 -14.38 5.14
N LEU C 51 -11.22 -15.19 4.60
CA LEU C 51 -10.64 -16.25 5.40
C LEU C 51 -9.27 -15.85 5.94
N ILE C 52 -8.35 -15.60 5.00
CA ILE C 52 -6.99 -15.26 5.32
C ILE C 52 -6.58 -14.01 4.58
N TYR C 53 -5.96 -13.08 5.30
CA TYR C 53 -5.51 -11.83 4.66
C TYR C 53 -4.01 -11.66 4.73
N VAL C 54 -3.50 -10.84 3.84
CA VAL C 54 -2.06 -10.61 3.74
C VAL C 54 -1.30 -11.92 3.85
N ALA C 55 -1.54 -12.76 2.85
CA ALA C 55 -0.90 -14.05 2.67
C ALA C 55 -1.09 -15.16 3.71
N SER C 56 -0.74 -14.89 4.96
CA SER C 56 -0.82 -15.94 5.98
C SER C 56 -1.66 -15.69 7.22
N ASN C 57 -2.28 -14.52 7.32
CA ASN C 57 -3.09 -14.21 8.51
C ASN C 57 -4.50 -14.77 8.50
N LEU C 58 -4.77 -15.63 9.49
CA LEU C 58 -6.08 -16.25 9.61
C LEU C 58 -7.00 -15.28 10.33
N LYS C 59 -8.03 -14.81 9.65
CA LYS C 59 -8.96 -13.87 10.25
C LYS C 59 -9.54 -14.45 11.54
N SER C 60 -9.73 -13.58 12.54
CA SER C 60 -10.25 -14.02 13.83
C SER C 60 -11.63 -14.64 13.71
N GLY C 61 -11.72 -15.89 14.15
CA GLY C 61 -12.98 -16.62 14.10
C GLY C 61 -12.94 -17.74 13.08
N ILE C 62 -11.90 -17.75 12.24
CA ILE C 62 -11.76 -18.77 11.21
C ILE C 62 -11.05 -20.01 11.75
N PRO C 63 -11.62 -21.19 11.51
CA PRO C 63 -11.02 -22.45 11.98
C PRO C 63 -9.56 -22.62 11.57
N ALA C 64 -8.73 -23.01 12.54
CA ALA C 64 -7.31 -23.21 12.33
C ALA C 64 -7.03 -24.21 11.21
N ARG C 65 -8.09 -24.83 10.69
CA ARG C 65 -7.93 -25.79 9.63
C ARG C 65 -7.41 -25.07 8.38
N PHE C 66 -7.68 -23.78 8.30
CA PHE C 66 -7.24 -23.00 7.16
C PHE C 66 -5.89 -22.41 7.42
N SER C 67 -5.12 -22.26 6.34
CA SER C 67 -3.78 -21.70 6.45
C SER C 67 -3.25 -21.30 5.10
N GLY C 68 -2.90 -20.03 4.97
CA GLY C 68 -2.35 -19.58 3.70
C GLY C 68 -0.83 -19.51 3.74
N SER C 69 -0.23 -19.53 2.57
CA SER C 69 1.22 -19.46 2.45
C SER C 69 1.59 -18.93 1.08
N GLY C 70 2.88 -18.73 0.87
CA GLY C 70 3.35 -18.22 -0.40
C GLY C 70 3.75 -16.76 -0.26
N SER C 71 4.31 -16.25 -1.35
CA SER C 71 4.76 -14.88 -1.41
C SER C 71 5.16 -14.57 -2.85
N GLY C 72 5.43 -13.30 -3.10
CA GLY C 72 5.84 -12.90 -4.43
C GLY C 72 4.72 -13.00 -5.44
N THR C 73 4.68 -14.13 -6.14
CA THR C 73 3.69 -14.36 -7.17
C THR C 73 2.95 -15.67 -7.03
N ASP C 74 3.42 -16.52 -6.11
CA ASP C 74 2.80 -17.80 -5.93
C ASP C 74 2.28 -17.92 -4.51
N PHE C 75 1.01 -18.31 -4.40
CA PHE C 75 0.40 -18.45 -3.10
C PHE C 75 -0.43 -19.72 -3.03
N THR C 76 -0.63 -20.21 -1.81
CA THR C 76 -1.37 -21.44 -1.60
C THR C 76 -2.25 -21.37 -0.37
N LEU C 77 -3.44 -21.95 -0.48
CA LEU C 77 -4.36 -22.02 0.65
C LEU C 77 -4.47 -23.49 1.00
N ASN C 78 -4.37 -23.78 2.29
CA ASN C 78 -4.41 -25.13 2.76
C ASN C 78 -5.53 -25.38 3.75
N ILE C 79 -6.27 -26.45 3.52
CA ILE C 79 -7.37 -26.84 4.39
C ILE C 79 -7.10 -28.25 4.95
N HIS C 80 -7.00 -28.34 6.26
CA HIS C 80 -6.74 -29.62 6.91
C HIS C 80 -7.21 -29.57 8.37
N PRO C 81 -8.13 -30.47 8.74
CA PRO C 81 -8.72 -31.49 7.84
C PRO C 81 -9.98 -30.97 7.18
N VAL C 82 -10.28 -31.47 5.99
CA VAL C 82 -11.48 -31.06 5.27
C VAL C 82 -12.77 -31.46 5.98
N GLU C 83 -13.73 -30.54 5.99
CA GLU C 83 -15.02 -30.79 6.63
C GLU C 83 -16.14 -30.59 5.62
N GLU C 84 -17.34 -31.04 5.99
CA GLU C 84 -18.49 -30.93 5.12
C GLU C 84 -18.84 -29.47 4.87
N GLU C 85 -18.60 -28.62 5.86
CA GLU C 85 -18.90 -27.20 5.77
C GLU C 85 -17.91 -26.43 4.89
N ASP C 86 -17.02 -27.15 4.21
CA ASP C 86 -16.04 -26.47 3.39
C ASP C 86 -16.37 -26.46 1.92
N ALA C 87 -17.38 -27.23 1.52
CA ALA C 87 -17.77 -27.26 0.13
C ALA C 87 -18.17 -25.84 -0.25
N ALA C 88 -17.39 -25.21 -1.13
CA ALA C 88 -17.69 -23.84 -1.56
C ALA C 88 -16.71 -23.44 -2.65
N THR C 89 -16.82 -22.20 -3.14
CA THR C 89 -15.90 -21.73 -4.16
C THR C 89 -14.94 -20.83 -3.42
N TYR C 90 -13.66 -20.97 -3.71
CA TYR C 90 -12.63 -20.18 -3.04
C TYR C 90 -11.96 -19.17 -3.95
N TYR C 91 -11.57 -18.04 -3.40
CA TYR C 91 -10.92 -17.01 -4.21
C TYR C 91 -9.73 -16.38 -3.52
N CYS C 92 -8.71 -16.05 -4.30
CA CYS C 92 -7.55 -15.36 -3.80
C CYS C 92 -7.76 -14.00 -4.42
N GLN C 93 -7.36 -12.94 -3.73
CA GLN C 93 -7.51 -11.59 -4.24
C GLN C 93 -6.34 -10.72 -3.81
N GLN C 94 -5.77 -10.01 -4.78
CA GLN C 94 -4.63 -9.14 -4.55
C GLN C 94 -5.08 -7.75 -4.12
N SER C 95 -4.35 -7.16 -3.18
CA SER C 95 -4.64 -5.81 -2.70
C SER C 95 -3.43 -4.94 -2.96
N ASN C 96 -2.49 -5.45 -3.72
CA ASN C 96 -1.26 -4.75 -4.04
C ASN C 96 -1.42 -3.50 -4.89
N GLU C 97 -2.21 -3.58 -5.95
CA GLU C 97 -2.37 -2.43 -6.82
C GLU C 97 -3.75 -2.23 -7.44
N ASP C 98 -3.94 -1.03 -7.99
CA ASP C 98 -5.18 -0.64 -8.66
C ASP C 98 -5.16 -1.35 -10.02
N PRO C 99 -6.23 -2.09 -10.35
CA PRO C 99 -7.42 -2.27 -9.55
C PRO C 99 -7.30 -3.58 -8.80
N PHE C 100 -7.98 -3.67 -7.66
CA PHE C 100 -7.93 -4.88 -6.89
C PHE C 100 -8.52 -6.01 -7.70
N THR C 101 -7.80 -7.13 -7.72
CA THR C 101 -8.15 -8.29 -8.51
C THR C 101 -8.48 -9.59 -7.76
N PHE C 102 -9.44 -10.35 -8.30
CA PHE C 102 -9.89 -11.61 -7.73
C PHE C 102 -9.44 -12.75 -8.64
N GLY C 103 -9.27 -13.94 -8.07
CA GLY C 103 -8.86 -15.07 -8.88
C GLY C 103 -10.02 -15.69 -9.62
N SER C 104 -9.73 -16.67 -10.47
CA SER C 104 -10.78 -17.33 -11.24
C SER C 104 -11.59 -18.33 -10.40
N GLY C 105 -11.30 -18.39 -9.09
CA GLY C 105 -12.05 -19.29 -8.22
C GLY C 105 -11.81 -20.79 -8.36
N THR C 106 -12.09 -21.52 -7.29
CA THR C 106 -11.90 -22.95 -7.26
C THR C 106 -13.05 -23.60 -6.47
N LYS C 107 -13.81 -24.48 -7.13
CA LYS C 107 -14.92 -25.14 -6.46
C LYS C 107 -14.39 -26.37 -5.75
N LEU C 108 -14.73 -26.47 -4.47
CA LEU C 108 -14.31 -27.59 -3.65
C LEU C 108 -15.50 -28.51 -3.33
N GLU C 109 -15.47 -29.71 -3.89
CA GLU C 109 -16.52 -30.69 -3.67
C GLU C 109 -16.00 -31.75 -2.71
N ILE C 110 -16.87 -32.22 -1.83
CA ILE C 110 -16.51 -33.24 -0.85
C ILE C 110 -16.86 -34.62 -1.39
N LYS C 111 -15.95 -35.57 -1.22
CA LYS C 111 -16.21 -36.94 -1.68
C LYS C 111 -16.82 -37.68 -0.51
N ARG C 112 -17.78 -38.55 -0.77
CA ARG C 112 -18.39 -39.33 0.30
C ARG C 112 -18.89 -40.69 -0.19
N ALA C 113 -19.72 -41.33 0.62
CA ALA C 113 -20.23 -42.64 0.27
C ALA C 113 -21.41 -42.54 -0.67
N ASP C 114 -21.44 -43.42 -1.66
CA ASP C 114 -22.56 -43.43 -2.57
C ASP C 114 -23.80 -43.53 -1.69
N ALA C 115 -24.84 -42.77 -2.04
CA ALA C 115 -26.08 -42.79 -1.30
C ALA C 115 -27.19 -42.61 -2.31
N ALA C 116 -28.09 -43.59 -2.36
CA ALA C 116 -29.20 -43.54 -3.31
C ALA C 116 -30.22 -42.52 -2.81
N PRO C 117 -30.92 -41.87 -3.75
CA PRO C 117 -31.95 -40.84 -3.55
C PRO C 117 -33.28 -41.29 -2.96
N THR C 118 -34.06 -40.29 -2.49
CA THR C 118 -35.37 -40.52 -1.93
C THR C 118 -36.40 -39.83 -2.80
N VAL C 119 -36.97 -40.59 -3.73
CA VAL C 119 -37.95 -40.04 -4.66
C VAL C 119 -39.35 -39.86 -4.08
N SER C 120 -40.00 -38.78 -4.48
CA SER C 120 -41.34 -38.43 -4.07
C SER C 120 -41.96 -37.73 -5.26
N ILE C 121 -43.06 -38.29 -5.78
CA ILE C 121 -43.72 -37.71 -6.93
C ILE C 121 -45.00 -36.98 -6.53
N PHE C 122 -45.34 -35.90 -7.23
CA PHE C 122 -46.54 -35.15 -6.90
C PHE C 122 -47.38 -34.87 -8.14
N PRO C 123 -48.69 -35.09 -8.05
CA PRO C 123 -49.57 -34.84 -9.19
C PRO C 123 -49.89 -33.35 -9.20
N PRO C 124 -50.52 -32.85 -10.27
CA PRO C 124 -50.86 -31.43 -10.35
C PRO C 124 -51.92 -31.00 -9.36
N SER C 125 -51.73 -29.86 -8.71
CA SER C 125 -52.71 -29.39 -7.75
C SER C 125 -53.98 -29.04 -8.49
N SER C 126 -55.10 -29.10 -7.77
CA SER C 126 -56.39 -28.77 -8.35
C SER C 126 -56.27 -27.37 -8.91
N GLU C 127 -55.71 -26.48 -8.08
CA GLU C 127 -55.51 -25.10 -8.47
C GLU C 127 -54.91 -24.97 -9.89
N GLN C 128 -53.74 -25.56 -10.08
CA GLN C 128 -53.10 -25.49 -11.37
C GLN C 128 -53.95 -26.01 -12.50
N LEU C 129 -54.57 -27.17 -12.32
CA LEU C 129 -55.39 -27.74 -13.37
C LEU C 129 -56.48 -26.78 -13.82
N THR C 130 -57.10 -26.10 -12.86
CA THR C 130 -58.16 -25.14 -13.14
C THR C 130 -57.78 -24.16 -14.22
N SER C 131 -56.50 -23.83 -14.22
CA SER C 131 -55.98 -22.87 -15.18
C SER C 131 -55.36 -23.53 -16.41
N GLY C 132 -55.84 -24.73 -16.72
CA GLY C 132 -55.38 -25.43 -17.90
C GLY C 132 -53.93 -25.86 -17.93
N GLY C 133 -53.33 -26.05 -16.77
CA GLY C 133 -51.95 -26.50 -16.73
C GLY C 133 -51.81 -27.67 -15.79
N ALA C 134 -50.88 -28.57 -16.10
CA ALA C 134 -50.63 -29.74 -15.27
C ALA C 134 -49.14 -30.00 -15.20
N SER C 135 -48.59 -29.78 -14.01
CA SER C 135 -47.16 -29.96 -13.76
C SER C 135 -46.95 -31.09 -12.77
N VAL C 136 -46.32 -32.16 -13.23
CA VAL C 136 -46.02 -33.27 -12.33
C VAL C 136 -44.59 -33.04 -11.83
N VAL C 137 -44.42 -32.98 -10.51
CA VAL C 137 -43.13 -32.74 -9.88
C VAL C 137 -42.52 -33.97 -9.20
N CYS C 138 -41.22 -34.15 -9.38
CA CYS C 138 -40.53 -35.27 -8.78
C CYS C 138 -39.26 -34.80 -8.05
N PHE C 139 -39.19 -35.11 -6.76
CA PHE C 139 -38.07 -34.72 -5.94
C PHE C 139 -37.15 -35.91 -5.69
N LEU C 140 -35.88 -35.79 -6.06
CA LEU C 140 -34.91 -36.85 -5.79
C LEU C 140 -33.94 -36.29 -4.75
N ASN C 141 -34.21 -36.50 -3.46
CA ASN C 141 -33.36 -35.93 -2.42
C ASN C 141 -32.19 -36.75 -1.90
N ASN C 142 -31.17 -36.03 -1.46
CA ASN C 142 -29.95 -36.57 -0.85
C ASN C 142 -29.30 -37.80 -1.46
N PHE C 143 -28.89 -37.72 -2.71
CA PHE C 143 -28.22 -38.84 -3.33
C PHE C 143 -26.75 -38.53 -3.49
N TYR C 144 -26.03 -39.45 -4.11
CA TYR C 144 -24.60 -39.27 -4.35
C TYR C 144 -24.06 -40.49 -5.07
N PRO C 145 -23.21 -40.27 -6.08
CA PRO C 145 -22.76 -38.99 -6.59
C PRO C 145 -23.83 -38.15 -7.28
N LYS C 146 -23.42 -36.95 -7.70
CA LYS C 146 -24.30 -36.00 -8.36
C LYS C 146 -24.86 -36.55 -9.66
N ASP C 147 -24.15 -37.53 -10.24
CA ASP C 147 -24.57 -38.11 -11.50
C ASP C 147 -25.74 -39.07 -11.35
N ILE C 148 -26.92 -38.56 -11.70
CA ILE C 148 -28.15 -39.33 -11.64
C ILE C 148 -29.03 -39.00 -12.84
N ASN C 149 -29.84 -39.96 -13.26
CA ASN C 149 -30.74 -39.76 -14.37
C ASN C 149 -32.16 -39.71 -13.87
N VAL C 150 -33.06 -39.24 -14.72
CA VAL C 150 -34.45 -39.19 -14.36
C VAL C 150 -35.21 -39.37 -15.66
N LYS C 151 -36.02 -40.42 -15.68
CA LYS C 151 -36.83 -40.76 -16.83
C LYS C 151 -38.27 -40.62 -16.41
N TRP C 152 -39.07 -40.05 -17.29
CA TRP C 152 -40.48 -39.87 -17.04
C TRP C 152 -41.21 -40.78 -18.00
N LYS C 153 -42.25 -41.44 -17.50
CA LYS C 153 -43.04 -42.36 -18.30
C LYS C 153 -44.50 -42.00 -18.11
N ILE C 154 -45.23 -41.90 -19.21
CA ILE C 154 -46.66 -41.60 -19.15
C ILE C 154 -47.40 -42.74 -19.86
N ASP C 155 -48.23 -43.44 -19.10
CA ASP C 155 -48.97 -44.58 -19.62
C ASP C 155 -47.98 -45.59 -20.23
N GLY C 156 -46.89 -45.85 -19.52
CA GLY C 156 -45.92 -46.82 -19.97
C GLY C 156 -44.80 -46.33 -20.86
N SER C 157 -45.11 -45.38 -21.74
CA SER C 157 -44.11 -44.83 -22.67
C SER C 157 -43.33 -43.64 -22.10
N GLU C 158 -42.06 -43.54 -22.50
CA GLU C 158 -41.18 -42.47 -22.02
C GLU C 158 -41.47 -41.09 -22.64
N ARG C 159 -41.52 -40.08 -21.77
CA ARG C 159 -41.77 -38.70 -22.17
C ARG C 159 -40.43 -37.98 -22.25
N GLN C 160 -40.19 -37.44 -23.43
CA GLN C 160 -38.96 -36.75 -23.76
C GLN C 160 -38.93 -35.26 -23.37
N ASN C 161 -39.73 -34.45 -24.05
CA ASN C 161 -39.75 -33.03 -23.80
C ASN C 161 -40.72 -32.59 -22.72
N GLY C 162 -40.54 -31.35 -22.25
CA GLY C 162 -41.42 -30.83 -21.22
C GLY C 162 -40.82 -30.99 -19.85
N VAL C 163 -39.59 -31.48 -19.80
CA VAL C 163 -38.90 -31.70 -18.53
C VAL C 163 -37.98 -30.55 -18.08
N LEU C 164 -37.98 -30.27 -16.78
CA LEU C 164 -37.16 -29.21 -16.21
C LEU C 164 -36.48 -29.68 -14.92
N ASN C 165 -35.19 -29.96 -15.03
CA ASN C 165 -34.39 -30.43 -13.90
C ASN C 165 -33.59 -29.32 -13.26
N SER C 166 -33.48 -29.37 -11.94
CA SER C 166 -32.76 -28.38 -11.18
C SER C 166 -32.00 -29.07 -10.04
N TRP C 167 -30.67 -28.96 -10.07
CA TRP C 167 -29.85 -29.58 -9.03
C TRP C 167 -29.55 -28.63 -7.89
N THR C 168 -29.32 -29.21 -6.73
CA THR C 168 -29.00 -28.46 -5.53
C THR C 168 -27.47 -28.54 -5.40
N ASP C 169 -26.86 -27.58 -4.72
CA ASP C 169 -25.41 -27.64 -4.55
C ASP C 169 -25.16 -28.61 -3.40
N GLN C 170 -23.97 -29.18 -3.36
CA GLN C 170 -23.65 -30.13 -2.29
C GLN C 170 -24.00 -29.63 -0.88
N ASP C 171 -24.77 -30.42 -0.13
CA ASP C 171 -25.19 -30.08 1.24
C ASP C 171 -24.02 -29.90 2.19
N SER C 172 -24.18 -28.96 3.12
CA SER C 172 -23.12 -28.68 4.08
C SER C 172 -23.11 -29.63 5.26
N LYS C 173 -24.22 -30.31 5.47
CA LYS C 173 -24.30 -31.24 6.59
C LYS C 173 -23.94 -32.67 6.25
N ASP C 174 -24.39 -33.15 5.11
CA ASP C 174 -24.11 -34.53 4.74
C ASP C 174 -23.47 -34.70 3.37
N SER C 175 -23.04 -33.59 2.78
CA SER C 175 -22.38 -33.65 1.47
C SER C 175 -23.18 -34.36 0.37
N THR C 176 -24.51 -34.25 0.41
CA THR C 176 -25.32 -34.91 -0.62
C THR C 176 -25.94 -33.89 -1.55
N TYR C 177 -26.39 -34.38 -2.71
CA TYR C 177 -27.06 -33.52 -3.67
C TYR C 177 -28.54 -33.85 -3.71
N SER C 178 -29.31 -32.95 -4.30
CA SER C 178 -30.75 -33.12 -4.43
C SER C 178 -31.12 -32.55 -5.77
N MET C 179 -32.14 -33.12 -6.39
CA MET C 179 -32.56 -32.66 -7.69
C MET C 179 -34.07 -32.69 -7.82
N SER C 180 -34.58 -31.75 -8.60
CA SER C 180 -36.01 -31.68 -8.79
C SER C 180 -36.29 -31.69 -10.27
N SER C 181 -37.16 -32.59 -10.68
CA SER C 181 -37.54 -32.72 -12.07
C SER C 181 -39.01 -32.41 -12.21
N THR C 182 -39.38 -31.65 -13.23
CA THR C 182 -40.78 -31.30 -13.42
C THR C 182 -41.23 -31.50 -14.86
N LEU C 183 -42.17 -32.42 -15.03
CA LEU C 183 -42.74 -32.67 -16.33
C LEU C 183 -43.94 -31.73 -16.40
N THR C 184 -43.95 -30.86 -17.40
CA THR C 184 -45.03 -29.91 -17.58
C THR C 184 -45.83 -30.19 -18.84
N LEU C 185 -47.10 -30.53 -18.65
CA LEU C 185 -47.99 -30.79 -19.76
C LEU C 185 -49.19 -29.90 -19.57
N THR C 186 -50.10 -29.96 -20.53
CA THR C 186 -51.32 -29.17 -20.49
C THR C 186 -52.40 -30.04 -19.85
N LYS C 187 -53.46 -29.41 -19.35
CA LYS C 187 -54.55 -30.13 -18.71
C LYS C 187 -55.15 -31.17 -19.64
N ASP C 188 -55.15 -30.87 -20.93
CA ASP C 188 -55.72 -31.78 -21.93
C ASP C 188 -54.86 -33.02 -22.12
N GLU C 189 -53.56 -32.81 -22.27
CA GLU C 189 -52.63 -33.93 -22.43
C GLU C 189 -52.63 -34.76 -21.15
N TYR C 190 -52.73 -34.08 -20.02
CA TYR C 190 -52.72 -34.74 -18.74
C TYR C 190 -53.94 -35.63 -18.54
N GLU C 191 -55.12 -35.05 -18.78
CA GLU C 191 -56.40 -35.74 -18.62
C GLU C 191 -56.60 -36.89 -19.62
N ARG C 192 -55.74 -36.99 -20.62
CA ARG C 192 -55.88 -38.07 -21.57
C ARG C 192 -54.83 -39.18 -21.39
N HIS C 193 -54.44 -39.42 -20.14
CA HIS C 193 -53.48 -40.46 -19.77
C HIS C 193 -53.70 -40.77 -18.31
N ASN C 194 -53.35 -41.98 -17.88
CA ASN C 194 -53.59 -42.33 -16.49
C ASN C 194 -52.38 -42.52 -15.58
N SER C 195 -51.43 -43.33 -16.01
CA SER C 195 -50.27 -43.59 -15.17
C SER C 195 -49.07 -42.68 -15.48
N TYR C 196 -48.55 -42.06 -14.42
CA TYR C 196 -47.38 -41.16 -14.50
C TYR C 196 -46.26 -41.67 -13.61
N THR C 197 -45.18 -42.09 -14.25
CA THR C 197 -44.03 -42.63 -13.53
C THR C 197 -42.78 -41.75 -13.62
N CYS C 198 -42.05 -41.68 -12.53
CA CYS C 198 -40.81 -40.92 -12.44
C CYS C 198 -39.77 -41.93 -11.95
N GLU C 199 -38.74 -42.23 -12.73
CA GLU C 199 -37.72 -43.19 -12.26
C GLU C 199 -36.27 -42.72 -12.37
N ALA C 200 -35.50 -43.01 -11.32
CA ALA C 200 -34.11 -42.59 -11.25
C ALA C 200 -33.09 -43.68 -11.49
N THR C 201 -32.01 -43.33 -12.20
CA THR C 201 -30.93 -44.27 -12.51
C THR C 201 -29.59 -43.67 -12.10
N HIS C 202 -28.67 -44.49 -11.61
CA HIS C 202 -27.34 -43.99 -11.23
C HIS C 202 -26.29 -44.38 -12.31
N LYS C 203 -26.07 -43.48 -13.27
CA LYS C 203 -25.13 -43.74 -14.34
C LYS C 203 -25.38 -45.15 -14.89
N THR C 204 -24.74 -46.14 -14.28
CA THR C 204 -24.93 -47.53 -14.68
C THR C 204 -26.16 -48.06 -13.95
N SER C 205 -25.94 -49.02 -13.04
CA SER C 205 -27.03 -49.62 -12.25
C SER C 205 -28.30 -49.85 -13.06
N THR C 206 -28.45 -51.07 -13.59
CA THR C 206 -29.62 -51.42 -14.37
C THR C 206 -30.87 -51.45 -13.50
N SER C 207 -30.68 -51.43 -12.18
CA SER C 207 -31.80 -51.46 -11.23
C SER C 207 -32.22 -50.04 -10.81
N PRO C 208 -33.35 -49.55 -11.34
CA PRO C 208 -33.85 -48.21 -11.04
C PRO C 208 -34.68 -48.11 -9.78
N ILE C 209 -35.07 -46.89 -9.47
CA ILE C 209 -35.91 -46.60 -8.33
C ILE C 209 -37.07 -45.87 -8.98
N VAL C 210 -38.27 -46.45 -8.93
CA VAL C 210 -39.42 -45.81 -9.54
C VAL C 210 -40.44 -45.38 -8.51
N LYS C 211 -41.28 -44.45 -8.93
CA LYS C 211 -42.36 -43.92 -8.12
C LYS C 211 -43.41 -43.53 -9.16
N SER C 212 -44.69 -43.81 -8.87
CA SER C 212 -45.74 -43.46 -9.82
C SER C 212 -47.08 -43.24 -9.13
N PHE C 213 -48.04 -42.76 -9.90
CA PHE C 213 -49.36 -42.54 -9.38
C PHE C 213 -50.30 -42.62 -10.57
N ASN C 214 -51.59 -42.86 -10.29
CA ASN C 214 -52.60 -42.96 -11.32
C ASN C 214 -53.55 -41.81 -11.04
N ARG C 215 -54.17 -41.27 -12.08
CA ARG C 215 -55.11 -40.17 -11.91
C ARG C 215 -56.37 -40.52 -11.10
N ASN C 216 -56.29 -41.52 -10.22
CA ASN C 216 -57.41 -41.92 -9.37
C ASN C 216 -56.92 -42.65 -8.10
N GLU D 1 -21.63 -5.07 16.38
CA GLU D 1 -21.33 -5.83 15.13
C GLU D 1 -21.48 -4.94 13.90
N VAL D 2 -20.42 -4.86 13.10
CA VAL D 2 -20.45 -4.06 11.88
C VAL D 2 -21.57 -4.65 11.04
N GLN D 3 -22.42 -3.82 10.48
CA GLN D 3 -23.54 -4.30 9.68
C GLN D 3 -23.81 -3.47 8.43
N LEU D 4 -23.76 -4.14 7.28
CA LEU D 4 -24.01 -3.49 6.00
C LEU D 4 -25.31 -3.97 5.34
N GLN D 5 -26.31 -3.09 5.32
CA GLN D 5 -27.62 -3.41 4.76
C GLN D 5 -27.86 -2.76 3.41
N GLN D 6 -27.90 -3.61 2.39
CA GLN D 6 -28.13 -3.16 1.02
C GLN D 6 -29.60 -3.22 0.62
N SER D 7 -29.96 -2.35 -0.33
CA SER D 7 -31.33 -2.25 -0.81
C SER D 7 -31.82 -3.50 -1.51
N GLY D 8 -33.13 -3.54 -1.76
CA GLY D 8 -33.74 -4.69 -2.40
C GLY D 8 -33.31 -4.87 -3.85
N PRO D 9 -33.88 -5.86 -4.54
CA PRO D 9 -33.55 -6.14 -5.93
C PRO D 9 -34.12 -5.10 -6.91
N GLU D 10 -33.63 -5.13 -8.14
CA GLU D 10 -34.11 -4.20 -9.14
C GLU D 10 -34.15 -4.78 -10.53
N LEU D 11 -35.18 -4.36 -11.26
CA LEU D 11 -35.37 -4.75 -12.63
C LEU D 11 -35.34 -3.38 -13.26
N VAL D 12 -34.38 -3.17 -14.15
CA VAL D 12 -34.23 -1.89 -14.81
C VAL D 12 -34.29 -2.07 -16.32
N LYS D 13 -34.95 -1.15 -17.00
CA LYS D 13 -35.03 -1.20 -18.45
C LYS D 13 -33.65 -0.87 -18.99
N PRO D 14 -33.22 -1.56 -20.06
CA PRO D 14 -31.90 -1.28 -20.62
C PRO D 14 -31.84 0.15 -21.14
N GLY D 15 -30.74 0.84 -20.86
CA GLY D 15 -30.60 2.21 -21.30
C GLY D 15 -30.84 3.14 -20.15
N ALA D 16 -31.66 2.68 -19.21
CA ALA D 16 -31.99 3.45 -18.04
C ALA D 16 -30.84 3.35 -17.08
N SER D 17 -31.06 3.82 -15.86
CA SER D 17 -30.04 3.78 -14.81
C SER D 17 -30.69 3.38 -13.50
N VAL D 18 -29.88 2.98 -12.52
CA VAL D 18 -30.40 2.57 -11.22
C VAL D 18 -29.47 3.02 -10.09
N LYS D 19 -30.05 3.26 -8.93
CA LYS D 19 -29.28 3.70 -7.76
C LYS D 19 -29.55 2.78 -6.57
N MET D 20 -28.49 2.22 -6.00
CA MET D 20 -28.63 1.34 -4.83
C MET D 20 -27.97 1.97 -3.61
N SER D 21 -28.44 1.59 -2.44
CA SER D 21 -27.89 2.11 -1.19
C SER D 21 -27.33 0.99 -0.33
N CYS D 22 -26.44 1.37 0.60
CA CYS D 22 -25.81 0.41 1.50
C CYS D 22 -25.67 1.06 2.87
N LYS D 23 -26.61 0.77 3.77
CA LYS D 23 -26.60 1.36 5.11
C LYS D 23 -25.67 0.68 6.11
N ALA D 24 -24.70 1.45 6.60
CA ALA D 24 -23.71 0.93 7.55
C ALA D 24 -24.07 1.27 9.01
N SER D 25 -23.65 0.41 9.93
CA SER D 25 -23.90 0.61 11.35
C SER D 25 -22.93 -0.25 12.14
N GLY D 26 -22.88 -0.02 13.45
CA GLY D 26 -21.98 -0.80 14.26
C GLY D 26 -20.55 -0.30 14.17
N TYR D 27 -20.33 0.90 13.62
CA TYR D 27 -18.99 1.48 13.51
C TYR D 27 -18.99 2.94 13.03
N THR D 28 -17.86 3.63 13.18
CA THR D 28 -17.77 5.03 12.77
C THR D 28 -17.71 5.14 11.26
N PHE D 29 -18.87 5.36 10.65
CA PHE D 29 -18.99 5.48 9.21
C PHE D 29 -17.85 6.16 8.44
N THR D 30 -17.38 7.31 8.91
CA THR D 30 -16.34 8.04 8.19
C THR D 30 -14.95 7.43 8.31
N ASP D 31 -14.73 6.68 9.39
CA ASP D 31 -13.44 6.07 9.63
C ASP D 31 -12.93 5.14 8.53
N TYR D 32 -13.82 4.41 7.89
CA TYR D 32 -13.40 3.47 6.86
C TYR D 32 -13.95 3.70 5.47
N TYR D 33 -13.15 3.31 4.49
CA TYR D 33 -13.52 3.43 3.09
C TYR D 33 -14.65 2.44 2.79
N MET D 34 -15.56 2.85 1.91
CA MET D 34 -16.65 1.97 1.51
C MET D 34 -16.31 1.48 0.10
N LYS D 35 -16.27 0.16 -0.07
CA LYS D 35 -15.93 -0.45 -1.35
C LYS D 35 -17.11 -1.14 -2.03
N TRP D 36 -17.03 -1.24 -3.35
CA TRP D 36 -18.09 -1.87 -4.15
C TRP D 36 -17.57 -2.95 -5.09
N VAL D 37 -18.20 -4.12 -5.01
CA VAL D 37 -17.82 -5.23 -5.85
C VAL D 37 -19.04 -5.73 -6.63
N LYS D 38 -18.81 -6.24 -7.83
CA LYS D 38 -19.87 -6.76 -8.66
C LYS D 38 -19.51 -8.23 -8.95
N GLN D 39 -20.52 -9.12 -8.93
CA GLN D 39 -20.32 -10.53 -9.21
C GLN D 39 -21.38 -10.98 -10.22
N SER D 40 -20.99 -11.71 -11.28
CA SER D 40 -21.95 -12.12 -12.32
C SER D 40 -22.33 -13.60 -12.58
N HIS D 41 -23.64 -13.86 -12.51
CA HIS D 41 -24.20 -15.20 -12.75
C HIS D 41 -23.22 -16.36 -12.60
N GLY D 42 -22.41 -16.57 -13.64
CA GLY D 42 -21.43 -17.64 -13.63
C GLY D 42 -20.45 -17.53 -12.47
N LYS D 43 -20.67 -16.53 -11.62
CA LYS D 43 -19.83 -16.30 -10.45
C LYS D 43 -18.39 -15.90 -10.79
N SER D 44 -18.07 -14.63 -10.51
CA SER D 44 -16.75 -14.07 -10.79
C SER D 44 -16.75 -12.62 -10.28
N LEU D 45 -15.92 -12.33 -9.28
CA LEU D 45 -15.90 -11.01 -8.67
C LEU D 45 -15.03 -9.92 -9.30
N GLU D 46 -15.52 -8.69 -9.28
CA GLU D 46 -14.82 -7.56 -9.85
C GLU D 46 -14.93 -6.36 -8.93
N TRP D 47 -13.84 -5.65 -8.75
CA TRP D 47 -13.87 -4.49 -7.88
C TRP D 47 -14.38 -3.31 -8.71
N ILE D 48 -15.31 -2.54 -8.14
CA ILE D 48 -15.82 -1.40 -8.87
C ILE D 48 -15.06 -0.14 -8.45
N GLY D 49 -15.08 0.17 -7.17
CA GLY D 49 -14.39 1.33 -6.68
C GLY D 49 -14.63 1.56 -5.20
N ASP D 50 -13.84 2.44 -4.60
CA ASP D 50 -13.98 2.76 -3.18
C ASP D 50 -14.43 4.20 -3.08
N ILE D 51 -14.86 4.59 -1.88
CA ILE D 51 -15.26 5.96 -1.63
C ILE D 51 -14.91 6.32 -0.20
N ASN D 52 -14.36 7.51 -0.01
CA ASN D 52 -14.00 7.93 1.32
C ASN D 52 -15.18 8.66 1.90
N PRO D 53 -15.92 8.00 2.76
CA PRO D 53 -17.10 8.62 3.35
C PRO D 53 -16.82 10.04 3.86
N ASN D 54 -15.64 10.20 4.42
CA ASN D 54 -15.22 11.48 4.98
C ASN D 54 -15.28 12.68 4.05
N ASN D 55 -14.46 12.66 3.02
CA ASN D 55 -14.41 13.77 2.06
C ASN D 55 -15.04 13.43 0.71
N GLY D 56 -15.67 12.27 0.62
CA GLY D 56 -16.26 11.87 -0.64
C GLY D 56 -15.18 11.50 -1.63
N GLY D 57 -14.01 11.13 -1.09
CA GLY D 57 -12.90 10.73 -1.94
C GLY D 57 -13.35 9.56 -2.77
N THR D 58 -12.83 9.41 -3.98
CA THR D 58 -13.29 8.32 -4.82
C THR D 58 -12.23 7.59 -5.64
N GLY D 59 -12.30 6.26 -5.63
CA GLY D 59 -11.38 5.43 -6.38
C GLY D 59 -12.16 4.52 -7.31
N TYR D 60 -11.86 4.56 -8.60
CA TYR D 60 -12.57 3.75 -9.59
C TYR D 60 -11.74 2.78 -10.43
N ASN D 61 -12.24 1.57 -10.58
CA ASN D 61 -11.59 0.58 -11.40
C ASN D 61 -11.86 1.15 -12.80
N GLN D 62 -10.81 1.39 -13.57
CA GLN D 62 -10.98 1.98 -14.90
C GLN D 62 -12.22 1.54 -15.67
N LYS D 63 -12.45 0.23 -15.72
CA LYS D 63 -13.60 -0.33 -16.44
C LYS D 63 -14.91 0.34 -16.08
N PHE D 64 -15.09 0.66 -14.81
CA PHE D 64 -16.32 1.27 -14.33
C PHE D 64 -16.35 2.79 -14.18
N LYS D 65 -15.31 3.47 -14.65
CA LYS D 65 -15.30 4.92 -14.55
C LYS D 65 -16.32 5.42 -15.58
N GLY D 66 -17.34 6.13 -15.11
CA GLY D 66 -18.36 6.63 -16.01
C GLY D 66 -19.64 5.81 -15.99
N LYS D 67 -19.49 4.53 -15.65
CA LYS D 67 -20.61 3.60 -15.55
C LYS D 67 -21.12 3.62 -14.11
N ALA D 68 -20.21 3.55 -13.16
CA ALA D 68 -20.55 3.58 -11.74
C ALA D 68 -20.30 4.97 -11.17
N THR D 69 -21.08 5.33 -10.17
CA THR D 69 -20.94 6.66 -9.55
C THR D 69 -21.22 6.54 -8.06
N LEU D 70 -20.16 6.31 -7.30
CA LEU D 70 -20.25 6.16 -5.84
C LEU D 70 -20.51 7.51 -5.21
N THR D 71 -21.36 7.47 -4.19
CA THR D 71 -21.77 8.67 -3.48
C THR D 71 -21.98 8.21 -2.05
N VAL D 72 -22.01 9.15 -1.11
CA VAL D 72 -22.20 8.79 0.28
C VAL D 72 -22.99 9.88 1.01
N ASP D 73 -23.58 9.54 2.16
CA ASP D 73 -24.35 10.50 2.94
C ASP D 73 -24.01 10.29 4.41
N LYS D 74 -23.13 11.15 4.92
CA LYS D 74 -22.67 11.08 6.30
C LYS D 74 -23.79 10.97 7.34
N SER D 75 -24.73 11.90 7.29
CA SER D 75 -25.82 11.95 8.26
C SER D 75 -26.64 10.68 8.39
N SER D 76 -26.65 9.84 7.36
CA SER D 76 -27.41 8.61 7.46
C SER D 76 -26.51 7.40 7.40
N SER D 77 -25.20 7.64 7.40
CA SER D 77 -24.25 6.53 7.35
C SER D 77 -24.65 5.66 6.18
N THR D 78 -25.02 6.27 5.05
CA THR D 78 -25.45 5.46 3.91
C THR D 78 -24.60 5.69 2.68
N ALA D 79 -24.27 4.58 1.99
CA ALA D 79 -23.46 4.61 0.77
C ALA D 79 -24.38 4.36 -0.41
N TYR D 80 -24.09 5.04 -1.52
CA TYR D 80 -24.89 4.91 -2.73
C TYR D 80 -24.03 4.64 -3.92
N MET D 81 -24.56 3.86 -4.86
CA MET D 81 -23.84 3.58 -6.09
C MET D 81 -24.90 3.68 -7.16
N GLN D 82 -24.56 4.36 -8.24
CA GLN D 82 -25.49 4.53 -9.32
C GLN D 82 -24.86 4.00 -10.58
N LEU D 83 -25.63 3.21 -11.31
CA LEU D 83 -25.14 2.64 -12.55
C LEU D 83 -25.87 3.33 -13.71
N ASN D 84 -25.10 3.89 -14.64
CA ASN D 84 -25.67 4.62 -15.77
C ASN D 84 -25.78 3.79 -17.03
N SER D 85 -26.66 4.22 -17.93
CA SER D 85 -26.86 3.55 -19.21
C SER D 85 -26.72 2.03 -19.13
N LEU D 86 -27.54 1.42 -18.28
CA LEU D 86 -27.48 -0.02 -18.09
C LEU D 86 -27.68 -0.82 -19.38
N THR D 87 -27.10 -2.02 -19.39
CA THR D 87 -27.18 -2.94 -20.50
C THR D 87 -27.19 -4.32 -19.84
N SER D 88 -27.55 -5.35 -20.61
CA SER D 88 -27.61 -6.69 -20.04
C SER D 88 -26.35 -7.12 -19.29
N GLU D 89 -25.18 -6.60 -19.69
CA GLU D 89 -23.93 -6.95 -19.02
C GLU D 89 -23.99 -6.51 -17.57
N ASP D 90 -24.73 -5.42 -17.35
CA ASP D 90 -24.88 -4.88 -16.03
C ASP D 90 -25.84 -5.67 -15.16
N SER D 91 -26.24 -6.84 -15.63
CA SER D 91 -27.12 -7.72 -14.85
C SER D 91 -26.19 -8.55 -13.97
N ALA D 92 -26.23 -8.32 -12.66
CA ALA D 92 -25.38 -9.07 -11.76
C ALA D 92 -25.69 -8.71 -10.31
N VAL D 93 -24.82 -9.12 -9.40
CA VAL D 93 -25.01 -8.81 -7.99
C VAL D 93 -23.93 -7.84 -7.55
N TYR D 94 -24.36 -6.82 -6.82
CA TYR D 94 -23.45 -5.80 -6.36
C TYR D 94 -23.39 -5.78 -4.87
N TYR D 95 -22.17 -5.89 -4.35
CA TYR D 95 -21.95 -5.88 -2.92
C TYR D 95 -21.21 -4.62 -2.56
N CYS D 96 -21.42 -4.16 -1.33
CA CYS D 96 -20.71 -3.02 -0.80
C CYS D 96 -19.96 -3.73 0.34
N ALA D 97 -18.73 -3.31 0.60
CA ALA D 97 -17.94 -3.92 1.64
C ALA D 97 -17.12 -2.84 2.30
N ASN D 98 -16.37 -3.23 3.32
CA ASN D 98 -15.48 -2.30 4.01
C ASN D 98 -14.35 -3.07 4.66
N ASP D 99 -13.32 -2.35 5.10
CA ASP D 99 -12.16 -2.98 5.70
C ASP D 99 -12.06 -2.73 7.20
N TYR D 100 -13.18 -2.72 7.90
CA TYR D 100 -13.15 -2.51 9.33
C TYR D 100 -12.25 -3.57 9.96
N GLY D 101 -11.15 -3.11 10.58
CA GLY D 101 -10.20 -4.02 11.18
C GLY D 101 -8.91 -3.94 10.37
N SER D 102 -8.96 -3.17 9.30
CA SER D 102 -7.82 -2.97 8.42
C SER D 102 -7.10 -4.27 8.07
N THR D 103 -7.78 -5.21 7.41
CA THR D 103 -7.15 -6.47 7.01
C THR D 103 -6.51 -6.26 5.64
N TYR D 104 -6.74 -5.06 5.09
CA TYR D 104 -6.22 -4.68 3.78
C TYR D 104 -6.87 -5.55 2.74
N GLY D 105 -8.14 -5.84 2.98
CA GLY D 105 -8.92 -6.65 2.06
C GLY D 105 -10.37 -6.23 2.25
N PHE D 106 -11.31 -7.12 1.92
CA PHE D 106 -12.74 -6.86 2.11
C PHE D 106 -13.22 -7.72 3.29
N ALA D 107 -13.21 -7.12 4.49
CA ALA D 107 -13.59 -7.83 5.70
C ALA D 107 -15.09 -8.07 5.85
N TYR D 108 -15.90 -7.02 5.74
CA TYR D 108 -17.34 -7.18 5.88
C TYR D 108 -18.04 -6.86 4.56
N TRP D 109 -19.11 -7.61 4.28
CA TRP D 109 -19.90 -7.44 3.07
C TRP D 109 -21.38 -7.28 3.33
N GLY D 110 -22.07 -6.65 2.38
CA GLY D 110 -23.50 -6.50 2.49
C GLY D 110 -24.03 -7.82 1.96
N GLN D 111 -25.35 -8.01 1.99
CA GLN D 111 -25.91 -9.27 1.50
C GLN D 111 -26.14 -9.30 0.00
N GLY D 112 -25.75 -8.24 -0.68
CA GLY D 112 -25.89 -8.20 -2.13
C GLY D 112 -27.17 -7.59 -2.68
N THR D 113 -27.14 -7.15 -3.93
CA THR D 113 -28.30 -6.57 -4.56
C THR D 113 -28.32 -7.09 -5.99
N LEU D 114 -29.42 -7.74 -6.37
CA LEU D 114 -29.56 -8.31 -7.70
C LEU D 114 -30.21 -7.32 -8.64
N VAL D 115 -29.48 -6.94 -9.69
CA VAL D 115 -30.02 -6.01 -10.67
C VAL D 115 -30.19 -6.76 -11.97
N THR D 116 -31.41 -6.71 -12.50
CA THR D 116 -31.73 -7.38 -13.74
C THR D 116 -32.07 -6.30 -14.74
N VAL D 117 -31.26 -6.19 -15.78
CA VAL D 117 -31.51 -5.19 -16.81
C VAL D 117 -32.32 -5.91 -17.87
N SER D 118 -33.59 -5.50 -18.05
CA SER D 118 -34.44 -6.15 -19.04
C SER D 118 -35.72 -5.47 -19.49
N ALA D 119 -36.06 -5.75 -20.75
CA ALA D 119 -37.27 -5.25 -21.39
C ALA D 119 -38.51 -5.83 -20.72
N ALA D 120 -38.43 -7.11 -20.37
CA ALA D 120 -39.51 -7.84 -19.71
C ALA D 120 -40.14 -7.11 -18.55
N LYS D 121 -41.43 -7.35 -18.39
CA LYS D 121 -42.22 -6.77 -17.29
C LYS D 121 -42.19 -7.79 -16.15
N THR D 122 -42.38 -7.31 -14.93
CA THR D 122 -42.35 -8.24 -13.81
C THR D 122 -43.63 -9.04 -13.77
N THR D 123 -43.47 -10.36 -13.62
CA THR D 123 -44.58 -11.29 -13.54
C THR D 123 -44.52 -11.98 -12.19
N PRO D 124 -45.63 -11.97 -11.44
CA PRO D 124 -45.64 -12.61 -10.12
C PRO D 124 -45.68 -14.12 -10.29
N PRO D 125 -45.23 -14.88 -9.28
CA PRO D 125 -45.23 -16.34 -9.38
C PRO D 125 -46.58 -16.98 -9.11
N SER D 126 -46.75 -18.21 -9.58
CA SER D 126 -47.98 -18.95 -9.35
C SER D 126 -47.55 -19.96 -8.28
N VAL D 127 -48.14 -19.87 -7.09
CA VAL D 127 -47.79 -20.78 -6.01
C VAL D 127 -48.73 -21.97 -5.89
N TYR D 128 -48.18 -23.16 -6.14
CA TYR D 128 -48.96 -24.39 -6.08
C TYR D 128 -48.45 -25.32 -4.98
N PRO D 129 -49.35 -25.83 -4.15
CA PRO D 129 -48.91 -26.74 -3.08
C PRO D 129 -48.77 -28.16 -3.63
N LEU D 130 -47.82 -28.92 -3.09
CA LEU D 130 -47.61 -30.29 -3.54
C LEU D 130 -47.81 -31.26 -2.40
N ALA D 131 -48.97 -31.94 -2.40
CA ALA D 131 -49.28 -32.89 -1.34
C ALA D 131 -49.07 -34.30 -1.84
N PRO D 132 -48.80 -35.24 -0.92
CA PRO D 132 -48.56 -36.64 -1.29
C PRO D 132 -49.74 -37.24 -2.05
N GLY D 133 -50.93 -37.13 -1.46
CA GLY D 133 -52.13 -37.66 -2.10
C GLY D 133 -52.48 -39.07 -1.65
N SER D 134 -53.24 -39.18 -0.57
CA SER D 134 -53.68 -40.45 -0.02
C SER D 134 -52.64 -41.55 -0.13
N ALA D 135 -52.92 -42.55 -0.95
CA ALA D 135 -52.00 -43.68 -1.14
C ALA D 135 -50.61 -43.22 -1.54
N ALA D 136 -49.65 -44.14 -1.49
CA ALA D 136 -48.27 -43.85 -1.84
C ALA D 136 -47.67 -42.82 -0.89
N GLN D 137 -48.39 -42.54 0.19
CA GLN D 137 -47.94 -41.56 1.18
C GLN D 137 -46.74 -42.10 1.96
N THR D 138 -46.69 -43.43 2.10
CA THR D 138 -45.61 -44.11 2.81
C THR D 138 -45.52 -43.68 4.27
N ASN D 139 -45.41 -44.66 5.16
CA ASN D 139 -45.31 -44.37 6.59
C ASN D 139 -44.02 -43.63 6.90
N SER D 140 -43.76 -43.39 8.18
CA SER D 140 -42.56 -42.68 8.59
C SER D 140 -42.51 -41.33 7.89
N MET D 141 -41.30 -40.76 7.80
CA MET D 141 -41.11 -39.46 7.16
C MET D 141 -42.04 -39.21 5.96
N VAL D 142 -42.39 -37.96 5.73
CA VAL D 142 -43.26 -37.58 4.62
C VAL D 142 -42.75 -36.28 3.98
N THR D 143 -42.61 -36.29 2.66
CA THR D 143 -42.13 -35.11 1.93
C THR D 143 -43.27 -34.32 1.28
N LEU D 144 -43.20 -33.01 1.48
CA LEU D 144 -44.18 -32.08 0.93
C LEU D 144 -43.42 -31.09 0.06
N GLY D 145 -44.12 -30.54 -0.92
CA GLY D 145 -43.48 -29.61 -1.81
C GLY D 145 -44.29 -28.37 -2.10
N CYS D 146 -43.63 -27.38 -2.65
CA CYS D 146 -44.25 -26.14 -3.02
C CYS D 146 -43.64 -25.75 -4.36
N LEU D 147 -44.51 -25.61 -5.35
CA LEU D 147 -44.06 -25.24 -6.69
C LEU D 147 -44.31 -23.76 -6.95
N VAL D 148 -43.23 -23.01 -7.14
CA VAL D 148 -43.36 -21.59 -7.45
C VAL D 148 -43.00 -21.44 -8.92
N LYS D 149 -43.99 -21.30 -9.78
CA LYS D 149 -43.68 -21.23 -11.19
C LYS D 149 -44.16 -20.03 -11.96
N GLY D 150 -43.39 -19.71 -13.01
CA GLY D 150 -43.67 -18.61 -13.91
C GLY D 150 -43.50 -17.22 -13.36
N TYR D 151 -42.35 -16.91 -12.78
CA TYR D 151 -42.17 -15.56 -12.24
C TYR D 151 -41.01 -14.82 -12.87
N PHE D 152 -40.96 -13.52 -12.58
CA PHE D 152 -39.89 -12.67 -13.10
C PHE D 152 -39.93 -11.28 -12.46
N PRO D 153 -38.75 -10.76 -12.06
CA PRO D 153 -37.46 -11.43 -12.20
C PRO D 153 -37.08 -12.10 -10.90
N GLU D 154 -35.83 -12.54 -10.82
CA GLU D 154 -35.36 -13.14 -9.60
C GLU D 154 -35.21 -12.01 -8.57
N PRO D 155 -35.19 -12.35 -7.30
CA PRO D 155 -35.31 -13.71 -6.76
C PRO D 155 -36.68 -13.88 -6.12
N VAL D 156 -36.86 -15.02 -5.45
CA VAL D 156 -38.09 -15.32 -4.70
C VAL D 156 -37.64 -16.03 -3.45
N THR D 157 -38.33 -15.72 -2.35
CA THR D 157 -37.99 -16.34 -1.10
C THR D 157 -39.07 -17.33 -0.65
N VAL D 158 -38.71 -18.60 -0.58
CA VAL D 158 -39.64 -19.62 -0.14
C VAL D 158 -39.28 -19.90 1.31
N THR D 159 -40.30 -20.06 2.15
CA THR D 159 -40.08 -20.35 3.56
C THR D 159 -41.13 -21.34 4.00
N TRP D 160 -40.79 -22.18 4.98
CA TRP D 160 -41.74 -23.15 5.46
C TRP D 160 -42.17 -22.79 6.88
N ASN D 161 -43.45 -22.49 7.02
CA ASN D 161 -44.03 -22.16 8.30
C ASN D 161 -43.38 -20.95 8.92
N SER D 162 -43.32 -19.86 8.16
CA SER D 162 -42.72 -18.64 8.67
C SER D 162 -41.25 -18.84 9.08
N GLY D 163 -40.73 -20.08 8.99
CA GLY D 163 -39.34 -20.30 9.35
C GLY D 163 -39.07 -21.33 10.44
N SER D 164 -40.13 -21.76 11.13
CA SER D 164 -40.00 -22.75 12.20
C SER D 164 -39.39 -24.06 11.66
N LEU D 165 -39.67 -24.37 10.40
CA LEU D 165 -39.13 -25.56 9.77
C LEU D 165 -37.96 -25.13 8.90
N SER D 166 -36.74 -25.47 9.35
CA SER D 166 -35.54 -25.14 8.60
C SER D 166 -34.86 -26.43 8.18
N SER D 167 -35.08 -27.48 8.97
CA SER D 167 -34.48 -28.78 8.69
C SER D 167 -35.37 -29.62 7.77
N GLY D 168 -34.75 -30.22 6.77
CA GLY D 168 -35.48 -31.05 5.83
C GLY D 168 -35.79 -30.28 4.56
N VAL D 169 -35.65 -28.96 4.64
CA VAL D 169 -35.92 -28.11 3.51
C VAL D 169 -34.90 -28.27 2.41
N HIS D 170 -35.37 -28.13 1.17
CA HIS D 170 -34.52 -28.23 -0.02
C HIS D 170 -35.12 -27.26 -1.04
N THR D 171 -34.55 -26.06 -1.17
CA THR D 171 -35.05 -25.10 -2.14
C THR D 171 -34.15 -25.14 -3.37
N PHE D 172 -34.69 -25.68 -4.46
CA PHE D 172 -33.93 -25.79 -5.69
C PHE D 172 -33.78 -24.51 -6.47
N PRO D 173 -32.62 -24.33 -7.12
CA PRO D 173 -32.34 -23.13 -7.91
C PRO D 173 -33.38 -22.98 -8.99
N ALA D 174 -33.67 -21.73 -9.32
CA ALA D 174 -34.65 -21.42 -10.35
C ALA D 174 -34.12 -21.74 -11.76
N VAL D 175 -35.01 -22.23 -12.62
CA VAL D 175 -34.64 -22.52 -14.00
C VAL D 175 -35.43 -21.55 -14.85
N LEU D 176 -35.00 -21.34 -16.09
CA LEU D 176 -35.68 -20.41 -16.97
C LEU D 176 -36.49 -21.08 -18.06
N GLN D 177 -37.78 -21.22 -17.83
CA GLN D 177 -38.68 -21.80 -18.84
C GLN D 177 -39.20 -20.59 -19.61
N SER D 178 -39.11 -20.65 -20.93
CA SER D 178 -39.53 -19.53 -21.76
C SER D 178 -38.69 -18.35 -21.28
N ASP D 179 -39.35 -17.27 -20.88
CA ASP D 179 -38.62 -16.11 -20.40
C ASP D 179 -39.14 -15.83 -19.00
N LEU D 180 -39.47 -16.92 -18.31
CA LEU D 180 -39.98 -16.87 -16.96
C LEU D 180 -39.19 -17.84 -16.09
N TYR D 181 -39.25 -17.63 -14.79
CA TYR D 181 -38.52 -18.47 -13.88
C TYR D 181 -39.43 -19.47 -13.20
N THR D 182 -38.84 -20.57 -12.76
CA THR D 182 -39.55 -21.60 -12.03
C THR D 182 -38.61 -22.31 -11.09
N LEU D 183 -39.03 -22.41 -9.83
CA LEU D 183 -38.26 -23.10 -8.82
C LEU D 183 -39.24 -23.86 -7.95
N SER D 184 -38.73 -24.73 -7.09
CA SER D 184 -39.59 -25.49 -6.22
C SER D 184 -38.83 -25.82 -4.97
N SER D 185 -39.57 -25.93 -3.87
CA SER D 185 -38.96 -26.25 -2.61
C SER D 185 -39.70 -27.42 -2.04
N SER D 186 -38.98 -28.23 -1.25
CA SER D 186 -39.57 -29.40 -0.64
C SER D 186 -39.15 -29.42 0.81
N VAL D 187 -39.93 -30.10 1.65
CA VAL D 187 -39.60 -30.21 3.06
C VAL D 187 -40.02 -31.59 3.54
N THR D 188 -39.13 -32.26 4.25
CA THR D 188 -39.40 -33.60 4.77
C THR D 188 -39.78 -33.52 6.23
N VAL D 189 -40.96 -34.02 6.58
CA VAL D 189 -41.41 -33.99 7.97
C VAL D 189 -41.90 -35.37 8.44
N PRO D 190 -41.82 -35.63 9.76
CA PRO D 190 -42.27 -36.92 10.32
C PRO D 190 -43.76 -37.11 10.10
N SER D 191 -44.19 -38.36 9.92
CA SER D 191 -45.61 -38.68 9.71
C SER D 191 -46.47 -38.01 10.80
N SER D 192 -45.91 -37.88 11.99
CA SER D 192 -46.62 -37.25 13.09
C SER D 192 -47.04 -35.84 12.66
N PRO D 193 -46.07 -34.94 12.41
CA PRO D 193 -46.41 -33.57 12.00
C PRO D 193 -47.65 -33.48 11.10
N ARG D 194 -47.50 -33.70 9.80
CA ARG D 194 -48.67 -33.65 8.91
C ARG D 194 -49.26 -35.04 8.71
N PRO D 195 -50.57 -35.11 8.45
CA PRO D 195 -51.47 -33.96 8.35
C PRO D 195 -51.95 -33.33 9.66
N SER D 196 -51.44 -33.80 10.80
CA SER D 196 -51.86 -33.24 12.09
C SER D 196 -51.58 -31.74 12.20
N GLU D 197 -50.33 -31.40 12.48
CA GLU D 197 -49.90 -30.00 12.59
C GLU D 197 -49.91 -29.34 11.21
N THR D 198 -50.28 -28.06 11.16
CA THR D 198 -50.32 -27.32 9.90
C THR D 198 -48.95 -27.13 9.28
N VAL D 199 -48.89 -27.23 7.96
CA VAL D 199 -47.64 -27.02 7.25
C VAL D 199 -47.92 -26.05 6.12
N THR D 200 -47.32 -24.88 6.20
CA THR D 200 -47.52 -23.90 5.15
C THR D 200 -46.20 -23.57 4.50
N CYS D 201 -46.31 -22.98 3.33
CA CYS D 201 -45.16 -22.59 2.57
C CYS D 201 -45.42 -21.11 2.32
N ASN D 202 -44.41 -20.29 2.51
CA ASN D 202 -44.60 -18.86 2.33
C ASN D 202 -43.66 -18.32 1.27
N VAL D 203 -44.25 -18.00 0.11
CA VAL D 203 -43.52 -17.48 -1.02
C VAL D 203 -43.60 -15.97 -1.09
N ALA D 204 -42.46 -15.33 -1.37
CA ALA D 204 -42.38 -13.89 -1.46
C ALA D 204 -41.60 -13.50 -2.72
N HIS D 205 -42.18 -12.65 -3.53
CA HIS D 205 -41.51 -12.19 -4.74
C HIS D 205 -41.36 -10.68 -4.71
N PRO D 206 -40.25 -10.21 -4.13
CA PRO D 206 -39.93 -8.78 -4.01
C PRO D 206 -40.32 -7.91 -5.18
N ALA D 207 -39.75 -8.18 -6.35
CA ALA D 207 -40.03 -7.39 -7.56
C ALA D 207 -41.48 -6.95 -7.72
N SER D 208 -42.41 -7.75 -7.20
CA SER D 208 -43.82 -7.44 -7.32
C SER D 208 -44.61 -7.37 -6.01
N SER D 209 -43.90 -7.25 -4.88
CA SER D 209 -44.55 -7.18 -3.59
C SER D 209 -45.63 -8.27 -3.50
N THR D 210 -45.29 -9.46 -4.00
CA THR D 210 -46.20 -10.59 -3.98
C THR D 210 -45.87 -11.48 -2.78
N LYS D 211 -46.81 -11.62 -1.86
CA LYS D 211 -46.58 -12.48 -0.70
C LYS D 211 -47.69 -13.53 -0.62
N VAL D 212 -47.30 -14.80 -0.68
CA VAL D 212 -48.24 -15.89 -0.61
C VAL D 212 -47.97 -16.90 0.49
N ASP D 213 -49.04 -17.42 1.07
CA ASP D 213 -48.93 -18.43 2.11
C ASP D 213 -49.87 -19.54 1.68
N LYS D 214 -49.35 -20.56 1.01
CA LYS D 214 -50.15 -21.69 0.58
C LYS D 214 -50.02 -22.82 1.60
N LYS D 215 -51.16 -23.31 2.09
CA LYS D 215 -51.16 -24.39 3.06
C LYS D 215 -51.18 -25.72 2.34
N ILE D 216 -50.41 -26.68 2.85
CA ILE D 216 -50.35 -28.00 2.24
C ILE D 216 -51.36 -28.91 2.90
N VAL D 217 -52.41 -29.23 2.16
CA VAL D 217 -53.47 -30.12 2.64
C VAL D 217 -53.46 -31.38 1.79
N PRO D 218 -54.06 -32.47 2.28
CA PRO D 218 -54.13 -33.75 1.58
C PRO D 218 -55.27 -33.89 0.56
#